data_8WEX
#
_entry.id   8WEX
#
_cell.length_a   74.722
_cell.length_b   74.722
_cell.length_c   319.678
_cell.angle_alpha   90.00
_cell.angle_beta   90.00
_cell.angle_gamma   120.00
#
_symmetry.space_group_name_H-M   'P 32 1 2'
#
loop_
_entity.id
_entity.type
_entity.pdbx_description
1 polymer 'N-acetyl sugar amidotransferase'
2 non-polymer 'ZINC ION'
3 water water
#
_entity_poly.entity_id   1
_entity_poly.type   'polypeptide(L)'
_entity_poly.pdbx_seq_one_letter_code
;MGHHHHHHMSNARIGIDMSKIYAPKSIDLSSFQLPDEKLQTKYGLPHKVEFCKSCVISNQRPNSAVEYEHKKESKKHTIH
FDDEGICDACRVAERKKSTINWEERDRQLRELCDRFRSKDGSYDCVVPGSGGKDSFYAAHILKYKYGMNPLTVTWAPHMY
TPWGWRNFQSWIHAGFDNHLFTPNGRVHRLLTRLAVENLFHPFQPFMIGQKAYAPKMALLHKIKLVVYGENEAEYGNPIG
DTESAKRDWKYFTADDKSKIFLGGTSVQELKSDFGLNDNDLDAYLPADPQQIEEQQVEVHYLGYYLKWHPQSCYYYSVEH
GGFEASPERTPGTYSKYNSIDDKIDDFHYYTTLTKFGIGRATYDASQEIRSGDITREEGVALVKRFDQEFPERFAEEIFK
YLSINLKEFPIASQMFEQPIMDRAYFMALADTFRSPHLWKKDGEQWKLRHQVTNLEKTKAEYLDLETV
;
_entity_poly.pdbx_strand_id   A,B
#
# COMPACT_ATOMS: atom_id res chain seq x y z
N LEU A 45 -38.62 -19.41 -11.25
CA LEU A 45 -39.14 -19.77 -9.89
C LEU A 45 -38.03 -20.40 -9.06
N PRO A 46 -37.78 -19.89 -7.83
CA PRO A 46 -36.64 -20.34 -7.03
C PRO A 46 -36.92 -21.67 -6.32
N HIS A 47 -35.86 -22.41 -6.02
CA HIS A 47 -35.93 -23.72 -5.32
C HIS A 47 -36.37 -23.49 -3.87
N LYS A 48 -37.16 -24.40 -3.34
CA LYS A 48 -37.57 -24.39 -1.92
C LYS A 48 -36.34 -24.68 -1.07
N VAL A 49 -36.18 -23.93 0.01
CA VAL A 49 -34.97 -24.02 0.87
C VAL A 49 -34.94 -25.38 1.58
N GLU A 50 -33.86 -26.12 1.37
CA GLU A 50 -33.48 -27.31 2.15
C GLU A 50 -32.11 -27.02 2.77
N PHE A 51 -31.90 -27.40 4.03
CA PHE A 51 -30.58 -27.33 4.71
C PHE A 51 -29.90 -28.69 4.59
N CYS A 52 -28.58 -28.65 4.42
CA CYS A 52 -27.71 -29.84 4.41
C CYS A 52 -27.74 -30.49 5.80
N LYS A 53 -27.68 -31.82 5.87
CA LYS A 53 -27.86 -32.59 7.13
C LYS A 53 -26.53 -32.77 7.88
N SER A 54 -25.40 -32.34 7.30
CA SER A 54 -24.06 -32.37 7.96
C SER A 54 -23.69 -30.97 8.47
N CYS A 55 -23.63 -29.97 7.58
CA CYS A 55 -23.35 -28.57 7.97
C CYS A 55 -24.68 -27.84 8.15
N VAL A 56 -24.66 -26.51 8.16
CA VAL A 56 -25.89 -25.72 8.44
C VAL A 56 -26.17 -24.83 7.24
N ILE A 57 -25.54 -25.11 6.11
CA ILE A 57 -25.75 -24.28 4.89
C ILE A 57 -27.01 -24.77 4.18
N SER A 58 -27.57 -23.91 3.34
CA SER A 58 -28.79 -24.19 2.57
C SER A 58 -28.41 -24.34 1.12
N ASN A 59 -29.38 -24.78 0.32
CA ASN A 59 -29.26 -24.99 -1.14
C ASN A 59 -29.47 -23.66 -1.88
N GLN A 60 -29.56 -22.53 -1.17
CA GLN A 60 -29.76 -21.21 -1.81
C GLN A 60 -28.41 -20.62 -2.26
N ARG A 61 -27.31 -20.93 -1.54
CA ARG A 61 -25.94 -20.43 -1.84
C ARG A 61 -25.65 -20.60 -3.34
N PRO A 62 -25.18 -19.53 -4.02
CA PRO A 62 -24.82 -19.62 -5.44
C PRO A 62 -23.63 -20.56 -5.72
N PHE A 81 -27.93 -30.93 -3.24
CA PHE A 81 -27.49 -31.93 -2.22
C PHE A 81 -27.62 -33.33 -2.77
N ASP A 82 -26.94 -34.30 -2.13
CA ASP A 82 -26.92 -35.71 -2.58
C ASP A 82 -28.14 -36.43 -2.00
N ASP A 83 -28.10 -37.77 -2.02
CA ASP A 83 -29.24 -38.67 -1.73
C ASP A 83 -29.33 -38.94 -0.23
N GLU A 84 -28.39 -38.43 0.56
CA GLU A 84 -28.48 -38.42 2.04
C GLU A 84 -28.62 -36.97 2.53
N GLY A 85 -28.93 -36.02 1.62
CA GLY A 85 -29.12 -34.60 1.93
C GLY A 85 -27.86 -33.95 2.49
N ILE A 86 -26.72 -34.16 1.81
CA ILE A 86 -25.38 -33.64 2.21
C ILE A 86 -24.83 -32.81 1.06
N CYS A 87 -24.53 -31.53 1.33
CA CYS A 87 -23.83 -30.63 0.38
C CYS A 87 -22.55 -31.32 -0.11
N ASP A 88 -22.18 -31.07 -1.36
CA ASP A 88 -20.91 -31.55 -1.95
C ASP A 88 -19.73 -31.12 -1.09
N ALA A 89 -19.82 -29.97 -0.42
CA ALA A 89 -18.70 -29.42 0.40
C ALA A 89 -18.42 -30.36 1.58
N CYS A 90 -19.43 -30.88 2.25
CA CYS A 90 -19.27 -31.81 3.40
C CYS A 90 -18.68 -33.13 2.90
N ARG A 91 -19.11 -33.61 1.74
CA ARG A 91 -18.64 -34.90 1.18
C ARG A 91 -17.16 -34.74 0.81
N VAL A 92 -16.78 -33.62 0.21
CA VAL A 92 -15.36 -33.39 -0.19
C VAL A 92 -14.49 -33.27 1.07
N ALA A 93 -14.97 -32.62 2.14
CA ALA A 93 -14.22 -32.54 3.42
C ALA A 93 -14.08 -33.94 4.01
N GLU A 94 -15.14 -34.75 3.98
CA GLU A 94 -15.15 -36.15 4.49
C GLU A 94 -14.14 -36.98 3.69
N ARG A 95 -14.16 -36.86 2.36
CA ARG A 95 -13.24 -37.58 1.44
C ARG A 95 -11.80 -37.18 1.75
N LYS A 96 -11.55 -35.90 2.03
CA LYS A 96 -10.18 -35.39 2.31
C LYS A 96 -9.69 -35.96 3.65
N LYS A 97 -10.55 -36.05 4.67
CA LYS A 97 -10.08 -36.46 6.02
C LYS A 97 -10.02 -37.99 6.10
N SER A 98 -10.06 -38.68 4.96
CA SER A 98 -9.86 -40.14 4.88
C SER A 98 -8.78 -40.45 3.85
N THR A 99 -8.96 -39.97 2.62
CA THR A 99 -8.24 -40.43 1.42
C THR A 99 -6.87 -39.77 1.31
N ILE A 100 -6.59 -38.70 2.07
CA ILE A 100 -5.40 -37.84 1.80
C ILE A 100 -4.23 -38.29 2.66
N ASN A 101 -3.12 -38.62 2.01
CA ASN A 101 -1.82 -38.87 2.67
C ASN A 101 -1.04 -37.56 2.72
N TRP A 102 -1.02 -36.88 3.87
CA TRP A 102 -0.47 -35.50 3.98
C TRP A 102 1.05 -35.51 3.91
N GLU A 103 1.67 -36.63 4.24
CA GLU A 103 3.14 -36.83 4.12
C GLU A 103 3.53 -36.83 2.63
N GLU A 104 2.73 -37.50 1.80
CA GLU A 104 2.96 -37.57 0.34
C GLU A 104 2.61 -36.21 -0.28
N ARG A 105 1.65 -35.49 0.27
CA ARG A 105 1.31 -34.12 -0.20
C ARG A 105 2.47 -33.20 0.16
N ASP A 106 3.09 -33.41 1.32
CA ASP A 106 4.28 -32.62 1.76
C ASP A 106 5.44 -32.87 0.80
N ARG A 107 5.64 -34.11 0.37
CA ARG A 107 6.71 -34.48 -0.59
C ARG A 107 6.43 -33.78 -1.93
N GLN A 108 5.17 -33.76 -2.37
CA GLN A 108 4.79 -33.11 -3.65
C GLN A 108 5.09 -31.61 -3.56
N LEU A 109 4.82 -31.01 -2.40
CA LEU A 109 5.13 -29.58 -2.16
C LEU A 109 6.64 -29.38 -2.28
N ARG A 110 7.44 -30.28 -1.68
CA ARG A 110 8.91 -30.09 -1.64
C ARG A 110 9.48 -30.13 -3.05
N GLU A 111 8.88 -30.87 -3.98
CA GLU A 111 9.46 -30.86 -5.35
C GLU A 111 8.71 -29.90 -6.27
N LEU A 112 7.57 -29.34 -5.85
CA LEU A 112 7.06 -28.11 -6.50
C LEU A 112 8.06 -26.99 -6.20
N CYS A 113 8.48 -26.88 -4.94
CA CYS A 113 9.46 -25.87 -4.47
C CYS A 113 10.81 -26.09 -5.16
N ASP A 114 11.30 -27.33 -5.20
CA ASP A 114 12.57 -27.67 -5.89
C ASP A 114 12.48 -27.21 -7.34
N ARG A 115 11.34 -27.45 -7.98
CA ARG A 115 11.15 -27.08 -9.41
C ARG A 115 11.34 -25.56 -9.57
N PHE A 116 10.85 -24.75 -8.64
CA PHE A 116 10.72 -23.28 -8.85
C PHE A 116 11.73 -22.47 -8.05
N ARG A 117 12.28 -23.00 -6.96
CA ARG A 117 13.17 -22.21 -6.07
C ARG A 117 14.22 -21.46 -6.91
N SER A 118 14.41 -20.18 -6.62
CA SER A 118 15.36 -19.28 -7.32
C SER A 118 16.70 -19.30 -6.59
N LYS A 119 17.80 -19.43 -7.32
CA LYS A 119 19.16 -19.37 -6.72
C LYS A 119 19.76 -17.97 -6.86
N ASP A 120 19.40 -17.20 -7.90
CA ASP A 120 20.07 -15.92 -8.24
C ASP A 120 19.58 -14.76 -7.36
N GLY A 121 18.77 -15.01 -6.32
CA GLY A 121 18.24 -13.97 -5.42
C GLY A 121 17.10 -13.18 -6.05
N SER A 122 16.46 -13.70 -7.10
CA SER A 122 15.18 -13.14 -7.62
C SER A 122 14.02 -13.83 -6.91
N TYR A 123 12.82 -13.23 -6.96
CA TYR A 123 11.59 -13.87 -6.44
C TYR A 123 11.36 -15.15 -7.23
N ASP A 124 10.91 -16.21 -6.55
CA ASP A 124 10.56 -17.49 -7.20
C ASP A 124 9.08 -17.81 -7.06
N CYS A 125 8.27 -16.93 -6.46
CA CYS A 125 6.82 -17.21 -6.30
C CYS A 125 6.09 -15.94 -5.87
N VAL A 126 4.81 -15.88 -6.23
CA VAL A 126 3.91 -14.76 -5.85
C VAL A 126 2.88 -15.31 -4.87
N VAL A 127 2.77 -14.70 -3.70
CA VAL A 127 1.75 -15.06 -2.69
C VAL A 127 0.80 -13.89 -2.54
N PRO A 128 -0.45 -14.04 -3.06
CA PRO A 128 -1.44 -12.99 -2.96
C PRO A 128 -2.15 -13.10 -1.61
N GLY A 129 -2.68 -11.98 -1.14
CA GLY A 129 -3.43 -11.95 0.10
C GLY A 129 -3.47 -10.56 0.66
N SER A 130 -4.17 -10.42 1.78
CA SER A 130 -4.45 -9.13 2.44
C SER A 130 -3.61 -9.02 3.71
N GLY A 131 -2.83 -10.03 4.06
CA GLY A 131 -2.20 -10.15 5.39
C GLY A 131 -3.12 -10.79 6.43
N GLY A 132 -4.26 -11.34 6.00
CA GLY A 132 -5.07 -12.24 6.85
C GLY A 132 -4.29 -13.48 7.23
N LYS A 133 -4.80 -14.25 8.18
CA LYS A 133 -4.13 -15.45 8.74
C LYS A 133 -3.69 -16.40 7.62
N ASP A 134 -4.47 -16.56 6.54
CA ASP A 134 -4.20 -17.58 5.51
C ASP A 134 -3.00 -17.16 4.68
N SER A 135 -2.99 -15.93 4.19
CA SER A 135 -1.91 -15.40 3.32
C SER A 135 -0.64 -15.28 4.15
N PHE A 136 -0.79 -14.93 5.43
CA PHE A 136 0.37 -14.88 6.36
C PHE A 136 0.98 -16.26 6.43
N TYR A 137 0.15 -17.27 6.74
CA TYR A 137 0.62 -18.65 6.86
C TYR A 137 1.31 -19.05 5.55
N ALA A 138 0.66 -18.83 4.41
CA ALA A 138 1.18 -19.28 3.11
C ALA A 138 2.59 -18.72 2.91
N ALA A 139 2.74 -17.39 2.98
CA ALA A 139 4.02 -16.74 2.65
C ALA A 139 5.05 -17.17 3.71
N HIS A 140 4.66 -17.16 4.98
CA HIS A 140 5.61 -17.42 6.09
C HIS A 140 6.13 -18.85 6.00
N ILE A 141 5.27 -19.82 5.75
CA ILE A 141 5.70 -21.23 5.70
C ILE A 141 6.49 -21.47 4.41
N LEU A 142 6.16 -20.81 3.30
CA LEU A 142 6.92 -21.01 2.05
C LEU A 142 8.34 -20.45 2.24
N LYS A 143 8.49 -19.29 2.86
CA LYS A 143 9.83 -18.66 3.00
C LYS A 143 10.65 -19.41 4.05
N TYR A 144 10.13 -19.55 5.27
CA TYR A 144 10.90 -19.96 6.46
C TYR A 144 10.90 -21.48 6.66
N LYS A 145 10.09 -22.24 5.93
CA LYS A 145 10.10 -23.72 6.07
C LYS A 145 10.49 -24.38 4.74
N TYR A 146 9.99 -23.88 3.61
CA TYR A 146 10.24 -24.50 2.29
C TYR A 146 11.30 -23.72 1.52
N GLY A 147 11.94 -22.72 2.13
CA GLY A 147 13.10 -22.02 1.55
C GLY A 147 12.77 -21.31 0.25
N MET A 148 11.58 -20.72 0.15
CA MET A 148 11.15 -19.95 -1.04
C MET A 148 11.45 -18.48 -0.81
N ASN A 149 11.32 -17.68 -1.86
CA ASN A 149 11.54 -16.21 -1.85
C ASN A 149 10.29 -15.58 -2.45
N PRO A 150 9.14 -15.62 -1.73
CA PRO A 150 7.92 -15.07 -2.27
C PRO A 150 7.93 -13.54 -2.28
N LEU A 151 7.46 -12.96 -3.38
CA LEU A 151 6.90 -11.59 -3.37
C LEU A 151 5.43 -11.66 -2.94
N THR A 152 5.04 -10.92 -1.91
CA THR A 152 3.61 -10.84 -1.53
C THR A 152 2.96 -9.74 -2.35
N VAL A 153 1.68 -9.91 -2.60
CA VAL A 153 0.93 -9.11 -3.59
C VAL A 153 -0.46 -8.90 -3.02
N THR A 154 -0.97 -7.67 -3.04
CA THR A 154 -2.26 -7.33 -2.40
C THR A 154 -3.08 -6.49 -3.35
N TRP A 155 -4.24 -7.02 -3.75
CA TRP A 155 -5.34 -6.22 -4.32
C TRP A 155 -6.01 -5.53 -3.14
N ALA A 156 -6.04 -4.20 -3.14
CA ALA A 156 -6.41 -3.44 -1.93
C ALA A 156 -7.88 -3.69 -1.60
N PRO A 157 -8.22 -3.71 -0.30
CA PRO A 157 -9.62 -3.75 0.10
C PRO A 157 -10.30 -2.43 -0.26
N HIS A 158 -11.62 -2.44 -0.22
CA HIS A 158 -12.45 -1.22 -0.40
C HIS A 158 -12.03 -0.19 0.65
N MET A 159 -12.10 -0.59 1.91
CA MET A 159 -11.83 0.27 3.07
C MET A 159 -11.14 -0.59 4.12
N TYR A 160 -9.92 -0.21 4.48
CA TYR A 160 -9.13 -0.91 5.51
C TYR A 160 -9.84 -0.74 6.85
N THR A 161 -10.00 -1.85 7.58
CA THR A 161 -10.21 -1.81 9.03
C THR A 161 -8.88 -1.42 9.67
N PRO A 162 -8.89 -0.86 10.89
CA PRO A 162 -7.65 -0.58 11.60
C PRO A 162 -6.79 -1.84 11.84
N TRP A 163 -7.39 -2.88 12.38
CA TRP A 163 -6.69 -4.17 12.62
C TRP A 163 -6.28 -4.76 11.28
N GLY A 164 -7.13 -4.61 10.25
CA GLY A 164 -6.78 -5.12 8.90
C GLY A 164 -5.49 -4.49 8.41
N TRP A 165 -5.38 -3.17 8.52
CA TRP A 165 -4.16 -2.46 8.09
C TRP A 165 -2.99 -2.89 8.96
N ARG A 166 -3.17 -2.99 10.26
CA ARG A 166 -2.06 -3.42 11.15
C ARG A 166 -1.65 -4.85 10.79
N ASN A 167 -2.58 -5.71 10.39
CA ASN A 167 -2.23 -7.11 10.01
C ASN A 167 -1.45 -7.13 8.69
N PHE A 168 -1.83 -6.27 7.75
CA PHE A 168 -1.13 -6.13 6.46
C PHE A 168 0.32 -5.71 6.75
N GLN A 169 0.49 -4.74 7.65
CA GLN A 169 1.85 -4.28 8.06
C GLN A 169 2.60 -5.42 8.76
N SER A 170 1.96 -6.16 9.67
CA SER A 170 2.58 -7.31 10.38
C SER A 170 3.03 -8.36 9.36
N TRP A 171 2.25 -8.55 8.30
CA TRP A 171 2.62 -9.44 7.19
C TRP A 171 3.97 -8.97 6.64
N ILE A 172 4.03 -7.71 6.22
CA ILE A 172 5.25 -7.14 5.61
C ILE A 172 6.41 -7.29 6.60
N HIS A 173 6.15 -7.07 7.88
CA HIS A 173 7.21 -6.99 8.91
C HIS A 173 7.55 -8.39 9.44
N ALA A 174 6.90 -9.44 8.93
CA ALA A 174 7.32 -10.83 9.21
C ALA A 174 8.40 -11.24 8.20
N GLY A 175 8.63 -10.43 7.17
CA GLY A 175 9.79 -10.59 6.27
C GLY A 175 9.38 -10.76 4.83
N PHE A 176 8.59 -9.81 4.30
CA PHE A 176 8.09 -9.93 2.92
C PHE A 176 8.01 -8.57 2.26
N ASP A 177 8.60 -8.48 1.06
CA ASP A 177 8.31 -7.38 0.12
C ASP A 177 6.84 -7.53 -0.27
N ASN A 178 6.15 -6.42 -0.45
CA ASN A 178 4.72 -6.46 -0.80
C ASN A 178 4.46 -5.44 -1.88
N HIS A 179 3.77 -5.86 -2.94
CA HIS A 179 3.28 -4.93 -3.97
C HIS A 179 1.75 -4.81 -3.81
N LEU A 180 1.30 -3.66 -3.33
CA LEU A 180 -0.13 -3.36 -3.10
C LEU A 180 -0.64 -2.52 -4.27
N PHE A 181 -1.65 -3.03 -4.96
CA PHE A 181 -2.37 -2.25 -5.99
C PHE A 181 -3.66 -1.73 -5.36
N THR A 182 -3.83 -0.41 -5.35
CA THR A 182 -5.10 0.22 -4.92
C THR A 182 -5.71 0.86 -6.15
N PRO A 183 -6.83 0.33 -6.68
CA PRO A 183 -7.41 0.87 -7.89
C PRO A 183 -8.01 2.24 -7.59
N ASN A 184 -8.13 3.04 -8.64
CA ASN A 184 -8.80 4.36 -8.64
C ASN A 184 -10.02 4.30 -7.70
N GLY A 185 -9.96 5.06 -6.60
CA GLY A 185 -10.95 5.02 -5.52
C GLY A 185 -12.33 5.49 -5.98
N ARG A 186 -12.38 6.46 -6.88
CA ARG A 186 -13.67 6.97 -7.43
C ARG A 186 -14.29 5.87 -8.28
N VAL A 187 -13.55 5.33 -9.23
CA VAL A 187 -14.03 4.22 -10.10
C VAL A 187 -14.50 3.08 -9.22
N HIS A 188 -13.76 2.76 -8.17
CA HIS A 188 -14.09 1.59 -7.32
C HIS A 188 -15.42 1.87 -6.62
N ARG A 189 -15.59 3.08 -6.08
CA ARG A 189 -16.83 3.42 -5.36
C ARG A 189 -18.00 3.35 -6.37
N LEU A 190 -17.83 3.89 -7.56
CA LEU A 190 -18.94 3.95 -8.55
C LEU A 190 -19.35 2.53 -8.93
N LEU A 191 -18.38 1.69 -9.24
CA LEU A 191 -18.65 0.28 -9.63
C LEU A 191 -19.27 -0.47 -8.47
N THR A 192 -18.81 -0.21 -7.24
CA THR A 192 -19.37 -0.91 -6.06
C THR A 192 -20.82 -0.46 -5.86
N ARG A 193 -21.12 0.82 -6.02
CA ARG A 193 -22.49 1.36 -5.84
C ARG A 193 -23.40 0.76 -6.91
N LEU A 194 -22.92 0.70 -8.15
CA LEU A 194 -23.66 0.09 -9.27
C LEU A 194 -23.93 -1.38 -8.93
N ALA A 195 -22.92 -2.11 -8.47
CA ALA A 195 -23.06 -3.55 -8.13
C ALA A 195 -24.07 -3.69 -7.00
N VAL A 196 -24.13 -2.71 -6.09
CA VAL A 196 -25.12 -2.75 -4.98
C VAL A 196 -26.52 -2.51 -5.55
N GLU A 197 -26.68 -1.49 -6.41
CA GLU A 197 -27.98 -1.14 -7.02
C GLU A 197 -28.51 -2.29 -7.91
N ASN A 198 -27.66 -2.83 -8.78
CA ASN A 198 -28.10 -3.76 -9.86
C ASN A 198 -28.15 -5.20 -9.33
N LEU A 199 -27.16 -5.64 -8.53
CA LEU A 199 -27.01 -7.07 -8.14
C LEU A 199 -27.18 -7.28 -6.63
N PHE A 200 -27.24 -6.21 -5.83
CA PHE A 200 -27.05 -6.26 -4.35
C PHE A 200 -25.80 -7.09 -4.04
N HIS A 201 -24.70 -6.78 -4.72
CA HIS A 201 -23.45 -7.58 -4.66
C HIS A 201 -22.25 -6.63 -4.71
N PRO A 202 -21.92 -5.94 -3.61
CA PRO A 202 -20.91 -4.89 -3.65
C PRO A 202 -19.58 -5.40 -4.20
N PHE A 203 -19.18 -6.62 -3.82
CA PHE A 203 -17.84 -7.18 -4.14
C PHE A 203 -17.70 -7.60 -5.61
N GLN A 204 -18.71 -7.51 -6.45
CA GLN A 204 -18.66 -8.20 -7.78
C GLN A 204 -17.50 -7.66 -8.62
N PRO A 205 -17.35 -6.33 -8.82
CA PRO A 205 -16.23 -5.80 -9.59
C PRO A 205 -14.91 -6.02 -8.85
N PHE A 206 -14.90 -5.82 -7.52
CA PHE A 206 -13.72 -6.13 -6.68
C PHE A 206 -13.20 -7.55 -6.96
N MET A 207 -14.08 -8.55 -6.98
CA MET A 207 -13.72 -9.97 -7.20
C MET A 207 -13.14 -10.17 -8.61
N ILE A 208 -13.68 -9.49 -9.61
CA ILE A 208 -13.10 -9.55 -11.00
C ILE A 208 -11.65 -9.08 -10.97
N GLY A 209 -11.39 -7.93 -10.35
CA GLY A 209 -10.04 -7.36 -10.28
C GLY A 209 -9.13 -8.25 -9.47
N GLN A 210 -9.60 -8.70 -8.30
CA GLN A 210 -8.82 -9.54 -7.37
C GLN A 210 -8.37 -10.81 -8.11
N LYS A 211 -9.27 -11.51 -8.78
CA LYS A 211 -8.96 -12.79 -9.46
C LYS A 211 -7.91 -12.56 -10.56
N ALA A 212 -7.95 -11.42 -11.24
CA ALA A 212 -6.99 -11.10 -12.32
C ALA A 212 -5.61 -10.75 -11.73
N TYR A 213 -5.56 -10.20 -10.52
CA TYR A 213 -4.37 -9.44 -10.04
C TYR A 213 -3.12 -10.33 -10.00
N ALA A 214 -3.17 -11.43 -9.27
CA ALA A 214 -1.96 -12.25 -8.98
C ALA A 214 -1.33 -12.75 -10.27
N PRO A 215 -2.07 -13.36 -11.23
CA PRO A 215 -1.48 -13.73 -12.51
C PRO A 215 -0.81 -12.55 -13.22
N LYS A 216 -1.46 -11.39 -13.27
CA LYS A 216 -0.87 -10.17 -13.89
C LYS A 216 0.43 -9.79 -13.18
N MET A 217 0.46 -9.87 -11.84
CA MET A 217 1.67 -9.51 -11.04
C MET A 217 2.80 -10.51 -11.35
N ALA A 218 2.49 -11.80 -11.46
CA ALA A 218 3.46 -12.82 -11.87
C ALA A 218 4.02 -12.47 -13.27
N LEU A 219 3.18 -12.00 -14.18
CA LEU A 219 3.65 -11.60 -15.53
C LEU A 219 4.55 -10.39 -15.43
N LEU A 220 4.19 -9.40 -14.61
CA LEU A 220 4.93 -8.11 -14.50
C LEU A 220 6.33 -8.36 -13.92
N HIS A 221 6.42 -9.05 -12.79
CA HIS A 221 7.71 -9.32 -12.11
C HIS A 221 8.41 -10.52 -12.74
N LYS A 222 7.83 -11.11 -13.79
CA LYS A 222 8.40 -12.30 -14.51
C LYS A 222 8.64 -13.42 -13.49
N ILE A 223 7.62 -13.71 -12.69
CA ILE A 223 7.62 -14.85 -11.73
C ILE A 223 6.68 -15.91 -12.29
N LYS A 224 7.05 -17.17 -12.17
CA LYS A 224 6.29 -18.27 -12.83
C LYS A 224 5.27 -18.88 -11.84
N LEU A 225 5.59 -18.94 -10.56
CA LEU A 225 4.75 -19.69 -9.59
C LEU A 225 3.87 -18.72 -8.81
N VAL A 226 2.57 -18.99 -8.78
CA VAL A 226 1.59 -18.27 -7.92
C VAL A 226 1.04 -19.28 -6.95
N VAL A 227 1.13 -19.00 -5.65
CA VAL A 227 0.58 -19.88 -4.59
C VAL A 227 -0.50 -19.12 -3.83
N TYR A 228 -1.75 -19.56 -3.97
CA TYR A 228 -2.88 -19.09 -3.15
C TYR A 228 -2.89 -19.88 -1.84
N GLY A 229 -3.02 -19.18 -0.71
CA GLY A 229 -3.16 -19.79 0.61
C GLY A 229 -4.59 -20.23 0.85
N GLU A 230 -5.08 -21.19 0.07
CA GLU A 230 -6.45 -21.74 0.22
C GLU A 230 -6.51 -23.14 -0.38
N ASN A 231 -7.61 -23.84 -0.15
CA ASN A 231 -7.85 -25.19 -0.71
C ASN A 231 -8.02 -25.07 -2.23
N GLU A 232 -7.75 -26.15 -2.95
CA GLU A 232 -7.83 -26.18 -4.43
C GLU A 232 -9.28 -25.90 -4.86
N ALA A 233 -9.45 -25.26 -6.01
CA ALA A 233 -10.77 -24.94 -6.61
C ALA A 233 -11.44 -26.25 -7.07
N GLU A 234 -10.75 -27.05 -7.90
CA GLU A 234 -11.19 -28.41 -8.29
C GLU A 234 -10.47 -29.44 -7.40
N TYR A 235 -11.22 -30.15 -6.56
CA TYR A 235 -10.70 -31.23 -5.69
C TYR A 235 -9.78 -32.16 -6.48
N GLY A 236 -8.57 -32.37 -5.97
CA GLY A 236 -7.63 -33.40 -6.48
C GLY A 236 -6.52 -32.82 -7.32
N ASN A 237 -6.70 -31.63 -7.91
CA ASN A 237 -5.67 -30.96 -8.75
C ASN A 237 -5.28 -29.64 -8.10
N PRO A 238 -3.97 -29.36 -7.93
CA PRO A 238 -3.53 -28.14 -7.27
C PRO A 238 -3.44 -26.93 -8.21
N ILE A 239 -3.77 -27.08 -9.49
CA ILE A 239 -3.57 -26.02 -10.51
C ILE A 239 -4.93 -25.36 -10.84
N GLY A 240 -4.90 -24.10 -11.25
CA GLY A 240 -6.06 -23.37 -11.81
C GLY A 240 -5.90 -23.17 -13.30
N ASP A 241 -6.96 -23.43 -14.08
CA ASP A 241 -6.93 -23.55 -15.57
C ASP A 241 -8.11 -22.77 -16.16
N ASP A 255 -14.89 -7.00 -28.17
CA ASP A 255 -14.90 -5.90 -29.17
C ASP A 255 -16.21 -5.10 -29.07
N ASP A 256 -17.33 -5.74 -28.73
CA ASP A 256 -18.66 -5.08 -28.59
C ASP A 256 -18.88 -4.77 -27.11
N LYS A 257 -18.79 -3.48 -26.74
CA LYS A 257 -18.76 -2.98 -25.35
C LYS A 257 -20.07 -3.30 -24.61
N SER A 258 -21.18 -3.56 -25.33
CA SER A 258 -22.49 -3.93 -24.74
C SER A 258 -22.58 -5.45 -24.50
N LYS A 259 -21.46 -6.17 -24.59
CA LYS A 259 -21.35 -7.63 -24.28
C LYS A 259 -20.76 -7.81 -22.87
N ILE A 260 -19.85 -6.93 -22.43
CA ILE A 260 -19.08 -7.10 -21.15
C ILE A 260 -19.73 -6.25 -20.05
N PHE A 261 -19.76 -6.78 -18.83
CA PHE A 261 -20.52 -6.23 -17.69
C PHE A 261 -19.61 -6.11 -16.47
N LEU A 262 -19.92 -5.12 -15.63
CA LEU A 262 -19.22 -4.79 -14.38
C LEU A 262 -20.19 -4.04 -13.48
N GLY A 263 -20.48 -4.62 -12.32
CA GLY A 263 -21.50 -4.09 -11.40
C GLY A 263 -22.88 -4.05 -12.06
N GLY A 264 -23.18 -5.02 -12.93
CA GLY A 264 -24.48 -5.11 -13.62
C GLY A 264 -24.65 -4.01 -14.66
N THR A 265 -23.55 -3.42 -15.10
CA THR A 265 -23.55 -2.32 -16.08
C THR A 265 -22.53 -2.65 -17.17
N SER A 266 -22.93 -2.46 -18.42
CA SER A 266 -22.06 -2.75 -19.58
C SER A 266 -20.95 -1.71 -19.62
N VAL A 267 -19.79 -2.11 -20.13
CA VAL A 267 -18.65 -1.18 -20.38
C VAL A 267 -19.17 -0.04 -21.24
N GLN A 268 -19.96 -0.35 -22.27
CA GLN A 268 -20.52 0.65 -23.21
C GLN A 268 -21.25 1.74 -22.41
N GLU A 269 -22.12 1.36 -21.47
CA GLU A 269 -22.93 2.32 -20.66
C GLU A 269 -22.04 2.98 -19.59
N LEU A 270 -21.03 2.27 -19.06
CA LEU A 270 -20.09 2.89 -18.09
C LEU A 270 -19.44 4.11 -18.75
N LYS A 271 -18.94 3.94 -19.98
CA LYS A 271 -18.25 5.03 -20.72
C LYS A 271 -19.27 6.05 -21.22
N SER A 272 -20.31 5.57 -21.91
CA SER A 272 -21.41 6.40 -22.46
C SER A 272 -21.99 7.32 -21.38
N ASP A 273 -22.42 6.79 -20.24
CA ASP A 273 -23.35 7.50 -19.34
C ASP A 273 -22.75 7.80 -17.96
N PHE A 274 -21.66 7.13 -17.57
CA PHE A 274 -21.10 7.25 -16.19
C PHE A 274 -19.73 7.93 -16.20
N GLY A 275 -19.22 8.33 -17.36
CA GLY A 275 -18.03 9.20 -17.43
C GLY A 275 -16.74 8.42 -17.24
N LEU A 276 -16.73 7.14 -17.57
CA LEU A 276 -15.51 6.29 -17.48
C LEU A 276 -14.87 6.18 -18.86
N ASN A 277 -13.57 5.90 -18.88
CA ASN A 277 -12.79 5.63 -20.11
C ASN A 277 -12.17 4.24 -19.94
N ASP A 278 -11.45 3.78 -20.95
CA ASP A 278 -10.88 2.42 -20.99
C ASP A 278 -9.79 2.30 -19.92
N ASN A 279 -9.06 3.38 -19.65
CA ASN A 279 -7.97 3.40 -18.65
C ASN A 279 -8.57 3.14 -17.26
N ASP A 280 -9.71 3.76 -16.93
CA ASP A 280 -10.40 3.56 -15.63
C ASP A 280 -10.68 2.08 -15.38
N LEU A 281 -10.84 1.28 -16.44
CA LEU A 281 -11.26 -0.15 -16.28
C LEU A 281 -10.09 -1.09 -16.57
N ASP A 282 -8.93 -0.55 -16.90
CA ASP A 282 -7.75 -1.35 -17.30
C ASP A 282 -7.39 -2.28 -16.15
N ALA A 283 -7.51 -1.81 -14.91
CA ALA A 283 -7.07 -2.54 -13.71
C ALA A 283 -7.90 -3.82 -13.52
N TYR A 284 -9.11 -3.87 -14.09
CA TYR A 284 -10.07 -4.99 -13.89
C TYR A 284 -9.95 -6.04 -15.01
N LEU A 285 -9.18 -5.77 -16.06
CA LEU A 285 -9.03 -6.70 -17.20
C LEU A 285 -8.31 -7.97 -16.73
N PRO A 286 -8.67 -9.14 -17.29
CA PRO A 286 -8.02 -10.39 -16.92
C PRO A 286 -6.59 -10.41 -17.45
N ALA A 287 -5.78 -11.33 -16.91
CA ALA A 287 -4.42 -11.61 -17.40
C ALA A 287 -4.54 -12.11 -18.84
N ASP A 288 -3.63 -11.64 -19.70
CA ASP A 288 -3.56 -12.07 -21.12
C ASP A 288 -3.19 -13.55 -21.18
N PRO A 289 -4.13 -14.44 -21.61
CA PRO A 289 -3.87 -15.89 -21.57
C PRO A 289 -2.70 -16.31 -22.45
N GLN A 290 -2.46 -15.62 -23.57
CA GLN A 290 -1.31 -15.92 -24.48
C GLN A 290 -0.02 -15.68 -23.69
N GLN A 291 0.07 -14.57 -22.94
CA GLN A 291 1.26 -14.21 -22.14
C GLN A 291 1.44 -15.21 -21.00
N ILE A 292 0.33 -15.64 -20.39
CA ILE A 292 0.38 -16.61 -19.26
C ILE A 292 0.98 -17.93 -19.77
N GLU A 293 0.45 -18.45 -20.87
CA GLU A 293 0.94 -19.70 -21.51
C GLU A 293 2.41 -19.52 -21.91
N GLU A 294 2.74 -18.40 -22.56
CA GLU A 294 4.12 -18.12 -23.06
C GLU A 294 5.12 -18.10 -21.89
N GLN A 295 4.73 -17.55 -20.73
CA GLN A 295 5.67 -17.35 -19.58
C GLN A 295 5.53 -18.48 -18.58
N GLN A 296 4.71 -19.49 -18.86
CA GLN A 296 4.59 -20.74 -18.05
C GLN A 296 4.20 -20.38 -16.61
N VAL A 297 3.26 -19.45 -16.47
CA VAL A 297 2.75 -19.03 -15.13
C VAL A 297 1.82 -20.13 -14.63
N GLU A 298 2.14 -20.68 -13.46
CA GLU A 298 1.34 -21.77 -12.85
C GLU A 298 0.73 -21.24 -11.57
N VAL A 299 -0.57 -21.37 -11.43
CA VAL A 299 -1.29 -21.09 -10.16
C VAL A 299 -1.43 -22.40 -9.39
N HIS A 300 -0.86 -22.46 -8.19
CA HIS A 300 -1.00 -23.61 -7.26
C HIS A 300 -1.78 -23.16 -6.02
N TYR A 301 -2.49 -24.10 -5.41
CA TYR A 301 -3.25 -23.87 -4.17
C TYR A 301 -2.59 -24.64 -3.03
N LEU A 302 -2.17 -23.91 -2.00
CA LEU A 302 -1.33 -24.50 -0.94
C LEU A 302 -2.14 -25.50 -0.12
N GLY A 303 -3.46 -25.36 -0.10
CA GLY A 303 -4.38 -26.27 0.62
C GLY A 303 -4.35 -27.67 0.04
N TYR A 304 -4.02 -27.80 -1.24
CA TYR A 304 -3.78 -29.13 -1.84
C TYR A 304 -2.62 -29.81 -1.11
N TYR A 305 -1.55 -29.07 -0.81
CA TYR A 305 -0.28 -29.64 -0.32
C TYR A 305 -0.26 -29.71 1.21
N LEU A 306 -0.95 -28.81 1.89
CA LEU A 306 -0.94 -28.72 3.37
C LEU A 306 -2.37 -28.75 3.88
N LYS A 307 -2.59 -29.43 5.00
CA LYS A 307 -3.89 -29.53 5.68
C LYS A 307 -4.28 -28.13 6.17
N TRP A 308 -5.24 -27.51 5.49
CA TRP A 308 -5.62 -26.10 5.74
C TRP A 308 -6.67 -26.05 6.84
N HIS A 309 -6.32 -25.44 7.97
CA HIS A 309 -7.18 -25.35 9.18
C HIS A 309 -7.20 -23.90 9.64
N PRO A 310 -8.30 -23.16 9.42
CA PRO A 310 -8.28 -21.71 9.65
C PRO A 310 -7.72 -21.34 11.04
N GLN A 311 -8.13 -22.06 12.08
CA GLN A 311 -7.77 -21.67 13.46
C GLN A 311 -6.27 -21.91 13.67
N SER A 312 -5.71 -22.94 13.04
CA SER A 312 -4.25 -23.20 13.04
C SER A 312 -3.53 -21.98 12.43
N CYS A 313 -4.00 -21.50 11.29
CA CYS A 313 -3.40 -20.34 10.61
C CYS A 313 -3.44 -19.12 11.52
N TYR A 314 -4.55 -18.92 12.23
CA TYR A 314 -4.68 -17.81 13.19
C TYR A 314 -3.57 -17.89 14.23
N TYR A 315 -3.47 -19.00 14.95
CA TYR A 315 -2.53 -19.08 16.11
C TYR A 315 -1.09 -19.04 15.61
N TYR A 316 -0.82 -19.61 14.43
CA TYR A 316 0.49 -19.54 13.76
C TYR A 316 0.82 -18.08 13.47
N SER A 317 -0.14 -17.32 12.93
CA SER A 317 0.06 -15.90 12.51
C SER A 317 0.23 -15.05 13.76
N VAL A 318 -0.43 -15.39 14.85
CA VAL A 318 -0.24 -14.65 16.13
C VAL A 318 1.19 -14.91 16.60
N GLU A 319 1.64 -16.15 16.55
CA GLU A 319 2.95 -16.54 17.12
C GLU A 319 4.06 -15.88 16.30
N HIS A 320 4.01 -16.00 14.97
CA HIS A 320 5.15 -15.64 14.10
C HIS A 320 5.02 -14.22 13.55
N GLY A 321 3.88 -13.53 13.68
CA GLY A 321 3.64 -12.24 13.00
C GLY A 321 3.05 -11.17 13.90
N GLY A 322 2.52 -11.53 15.06
CA GLY A 322 1.70 -10.61 15.86
C GLY A 322 0.37 -10.31 15.19
N PHE A 323 -0.24 -11.26 14.48
CA PHE A 323 -1.59 -11.13 13.89
C PHE A 323 -2.58 -10.70 14.97
N GLU A 324 -3.41 -9.72 14.63
CA GLU A 324 -4.39 -9.10 15.56
C GLU A 324 -5.79 -9.47 15.09
N ALA A 325 -6.51 -10.21 15.93
CA ALA A 325 -7.95 -10.49 15.73
C ALA A 325 -8.73 -9.19 15.86
N SER A 326 -9.91 -9.14 15.24
CA SER A 326 -10.92 -8.09 15.54
C SER A 326 -11.01 -7.91 17.04
N PRO A 327 -11.00 -6.68 17.56
CA PRO A 327 -11.14 -6.46 18.99
C PRO A 327 -12.52 -6.85 19.52
N GLU A 328 -13.54 -6.76 18.67
CA GLU A 328 -14.94 -7.13 19.01
C GLU A 328 -15.39 -8.24 18.08
N ARG A 329 -16.46 -8.92 18.47
CA ARG A 329 -17.07 -9.97 17.65
C ARG A 329 -17.48 -9.36 16.30
N THR A 330 -17.16 -10.03 15.20
CA THR A 330 -17.55 -9.63 13.84
C THR A 330 -19.08 -9.69 13.73
N PRO A 331 -19.76 -8.60 13.29
CA PRO A 331 -21.21 -8.60 13.19
C PRO A 331 -21.70 -9.74 12.29
N GLY A 332 -22.85 -10.31 12.63
CA GLY A 332 -23.50 -11.34 11.80
C GLY A 332 -22.92 -12.71 12.05
N THR A 333 -21.94 -12.82 12.94
CA THR A 333 -21.28 -14.10 13.21
C THR A 333 -20.71 -14.10 14.62
N TYR A 334 -19.96 -15.14 14.94
CA TYR A 334 -19.33 -15.34 16.28
C TYR A 334 -17.80 -15.22 16.18
N SER A 335 -17.24 -15.30 14.98
CA SER A 335 -15.76 -15.33 14.76
C SER A 335 -15.15 -13.94 14.96
N LYS A 336 -13.83 -13.90 15.03
CA LYS A 336 -13.06 -12.65 15.26
C LYS A 336 -11.85 -12.52 14.32
N TYR A 337 -11.52 -13.54 13.52
CA TYR A 337 -10.30 -13.50 12.68
C TYR A 337 -10.53 -14.09 11.29
N ASN A 338 -11.78 -14.19 10.86
CA ASN A 338 -12.08 -14.57 9.44
C ASN A 338 -12.42 -13.30 8.66
N SER A 339 -11.59 -12.97 7.67
CA SER A 339 -11.83 -11.88 6.69
C SER A 339 -12.17 -10.60 7.45
N ILE A 340 -11.16 -9.97 8.05
CA ILE A 340 -11.35 -8.83 9.00
C ILE A 340 -10.64 -7.58 8.49
N ASP A 341 -10.30 -7.53 7.20
CA ASP A 341 -9.45 -6.43 6.67
C ASP A 341 -10.28 -5.38 5.94
N ASP A 342 -11.46 -5.72 5.44
CA ASP A 342 -12.32 -4.84 4.61
C ASP A 342 -13.63 -4.54 5.34
N LYS A 343 -13.96 -3.27 5.52
CA LYS A 343 -15.20 -2.87 6.21
C LYS A 343 -16.42 -3.32 5.40
N ILE A 344 -16.31 -3.29 4.08
CA ILE A 344 -17.42 -3.68 3.18
C ILE A 344 -17.73 -5.17 3.33
N ASP A 345 -16.82 -5.98 3.89
CA ASP A 345 -17.09 -7.41 4.20
C ASP A 345 -18.42 -7.51 4.97
N ASP A 346 -18.66 -6.62 5.92
CA ASP A 346 -19.94 -6.54 6.67
C ASP A 346 -21.13 -6.57 5.69
N PHE A 347 -21.15 -5.64 4.74
CA PHE A 347 -22.31 -5.49 3.82
C PHE A 347 -22.36 -6.65 2.85
N HIS A 348 -21.22 -7.26 2.53
CA HIS A 348 -21.21 -8.47 1.68
C HIS A 348 -22.08 -9.55 2.32
N TYR A 349 -21.86 -9.83 3.59
CA TYR A 349 -22.59 -10.93 4.27
C TYR A 349 -24.04 -10.51 4.49
N TYR A 350 -24.33 -9.21 4.57
CA TYR A 350 -25.73 -8.77 4.71
C TYR A 350 -26.47 -9.04 3.40
N THR A 351 -25.83 -8.79 2.27
CA THR A 351 -26.47 -8.96 0.95
C THR A 351 -26.78 -10.43 0.73
N THR A 352 -25.81 -11.33 0.95
CA THR A 352 -26.01 -12.80 0.83
C THR A 352 -27.17 -13.24 1.74
N LEU A 353 -27.22 -12.75 2.97
CA LEU A 353 -28.33 -13.07 3.88
C LEU A 353 -29.65 -12.61 3.23
N THR A 354 -29.73 -11.33 2.84
CA THR A 354 -30.93 -10.74 2.20
C THR A 354 -31.35 -11.59 0.99
N LYS A 355 -30.40 -12.02 0.16
CA LYS A 355 -30.76 -12.68 -1.12
C LYS A 355 -30.99 -14.19 -0.92
N PHE A 356 -30.33 -14.82 0.06
CA PHE A 356 -30.26 -16.30 0.15
C PHE A 356 -30.58 -16.84 1.54
N GLY A 357 -30.92 -15.99 2.49
CA GLY A 357 -31.36 -16.43 3.82
C GLY A 357 -30.22 -16.95 4.68
N ILE A 358 -28.99 -16.94 4.17
CA ILE A 358 -27.80 -17.45 4.92
C ILE A 358 -26.80 -16.30 5.05
N GLY A 359 -26.48 -15.96 6.30
CA GLY A 359 -25.50 -14.91 6.62
C GLY A 359 -24.15 -15.51 6.97
N ARG A 360 -23.37 -14.73 7.70
CA ARG A 360 -21.93 -14.98 7.93
C ARG A 360 -21.77 -16.14 8.91
N ALA A 361 -22.57 -16.18 9.97
CA ALA A 361 -22.50 -17.27 10.96
C ALA A 361 -22.74 -18.61 10.27
N THR A 362 -23.60 -18.67 9.25
CA THR A 362 -23.84 -19.93 8.51
C THR A 362 -22.53 -20.40 7.86
N TYR A 363 -21.83 -19.53 7.16
CA TYR A 363 -20.56 -19.91 6.47
C TYR A 363 -19.48 -20.30 7.48
N ASP A 364 -19.35 -19.51 8.56
CA ASP A 364 -18.32 -19.75 9.61
C ASP A 364 -18.60 -21.09 10.30
N ALA A 365 -19.85 -21.29 10.74
CA ALA A 365 -20.26 -22.51 11.47
C ALA A 365 -20.13 -23.73 10.56
N SER A 366 -20.51 -23.62 9.28
CA SER A 366 -20.41 -24.76 8.33
C SER A 366 -18.92 -25.17 8.18
N GLN A 367 -18.03 -24.19 8.04
CA GLN A 367 -16.57 -24.46 7.92
C GLN A 367 -16.11 -25.18 9.19
N GLU A 368 -16.50 -24.69 10.37
CA GLU A 368 -16.06 -25.25 11.67
C GLU A 368 -16.67 -26.64 11.90
N ILE A 369 -17.84 -26.93 11.32
CA ILE A 369 -18.48 -28.27 11.45
C ILE A 369 -17.66 -29.27 10.64
N ARG A 370 -17.29 -28.92 9.42
CA ARG A 370 -16.50 -29.82 8.55
C ARG A 370 -15.11 -30.07 9.18
N SER A 371 -14.49 -29.03 9.74
CA SER A 371 -13.16 -29.15 10.38
C SER A 371 -13.23 -30.05 11.61
N GLY A 372 -14.41 -30.24 12.18
CA GLY A 372 -14.63 -31.06 13.39
C GLY A 372 -14.59 -30.25 14.67
N ASP A 373 -14.55 -28.92 14.60
CA ASP A 373 -14.32 -28.07 15.81
C ASP A 373 -15.65 -27.86 16.55
N ILE A 374 -16.77 -27.88 15.83
CA ILE A 374 -18.13 -27.76 16.45
C ILE A 374 -19.00 -28.84 15.83
N THR A 375 -20.06 -29.20 16.56
CA THR A 375 -21.13 -30.08 16.07
C THR A 375 -22.17 -29.24 15.34
N ARG A 376 -22.97 -29.91 14.51
CA ARG A 376 -24.07 -29.29 13.76
C ARG A 376 -24.97 -28.53 14.72
N GLU A 377 -25.15 -29.02 15.94
CA GLU A 377 -26.09 -28.43 16.92
C GLU A 377 -25.53 -27.10 17.42
N GLU A 378 -24.23 -27.01 17.67
CA GLU A 378 -23.58 -25.72 18.07
C GLU A 378 -23.69 -24.77 16.87
N GLY A 379 -23.47 -25.27 15.66
CA GLY A 379 -23.65 -24.50 14.42
C GLY A 379 -25.05 -23.88 14.35
N VAL A 380 -26.08 -24.69 14.57
CA VAL A 380 -27.52 -24.30 14.53
C VAL A 380 -27.75 -23.18 15.55
N ALA A 381 -27.23 -23.34 16.77
CA ALA A 381 -27.39 -22.34 17.85
C ALA A 381 -26.73 -21.02 17.43
N LEU A 382 -25.55 -21.10 16.81
CA LEU A 382 -24.79 -19.88 16.44
C LEU A 382 -25.53 -19.18 15.28
N VAL A 383 -25.97 -19.93 14.28
CA VAL A 383 -26.75 -19.37 13.14
C VAL A 383 -28.00 -18.69 13.71
N LYS A 384 -28.69 -19.32 14.65
CA LYS A 384 -29.96 -18.78 15.16
C LYS A 384 -29.68 -17.46 15.89
N ARG A 385 -28.57 -17.38 16.63
CA ARG A 385 -28.33 -16.17 17.43
C ARG A 385 -27.71 -15.05 16.58
N PHE A 386 -26.89 -15.35 15.57
CA PHE A 386 -26.03 -14.30 14.94
C PHE A 386 -26.38 -14.01 13.49
N ASP A 387 -26.95 -14.94 12.75
CA ASP A 387 -26.97 -14.85 11.27
C ASP A 387 -27.67 -13.56 10.82
N GLN A 388 -28.70 -13.10 11.55
CA GLN A 388 -29.63 -12.05 11.09
C GLN A 388 -29.25 -10.68 11.66
N GLU A 389 -28.10 -10.61 12.32
CA GLU A 389 -27.59 -9.33 12.87
C GLU A 389 -27.25 -8.41 11.70
N PHE A 390 -27.70 -7.16 11.75
CA PHE A 390 -27.29 -6.09 10.81
C PHE A 390 -25.96 -5.51 11.27
N PRO A 391 -24.98 -5.30 10.35
CA PRO A 391 -23.67 -4.74 10.73
C PRO A 391 -23.63 -3.20 10.86
N GLU A 392 -23.86 -2.70 12.08
CA GLU A 392 -24.04 -1.26 12.38
C GLU A 392 -22.69 -0.53 12.45
N ARG A 393 -21.60 -1.20 12.82
CA ARG A 393 -20.33 -0.50 13.18
C ARG A 393 -19.87 0.41 12.04
N PHE A 394 -19.90 -0.04 10.78
CA PHE A 394 -19.34 0.69 9.62
C PHE A 394 -20.43 1.19 8.67
N ALA A 395 -21.71 0.97 9.00
CA ALA A 395 -22.85 1.29 8.12
C ALA A 395 -22.70 2.71 7.55
N GLU A 396 -22.47 3.70 8.39
CA GLU A 396 -22.48 5.13 7.97
C GLU A 396 -21.29 5.41 7.05
N GLU A 397 -20.09 4.92 7.39
CA GLU A 397 -18.90 5.09 6.53
C GLU A 397 -19.17 4.44 5.17
N ILE A 398 -19.80 3.28 5.17
CA ILE A 398 -20.08 2.55 3.91
C ILE A 398 -21.08 3.33 3.07
N PHE A 399 -22.14 3.86 3.68
CA PHE A 399 -23.15 4.69 2.97
C PHE A 399 -22.44 5.86 2.29
N LYS A 400 -21.49 6.50 3.00
CA LYS A 400 -20.69 7.60 2.43
C LYS A 400 -19.84 7.07 1.27
N TYR A 401 -19.26 5.89 1.45
CA TYR A 401 -18.40 5.25 0.42
C TYR A 401 -19.23 5.02 -0.84
N LEU A 402 -20.48 4.60 -0.67
CA LEU A 402 -21.38 4.28 -1.81
C LEU A 402 -21.99 5.55 -2.40
N SER A 403 -21.80 6.70 -1.76
CA SER A 403 -22.43 7.97 -2.17
C SER A 403 -21.68 8.56 -3.35
N ILE A 404 -22.39 8.89 -4.40
CA ILE A 404 -21.81 9.38 -5.68
C ILE A 404 -22.11 10.88 -5.79
N ASN A 405 -21.29 11.70 -5.13
CA ASN A 405 -21.51 13.16 -5.03
C ASN A 405 -21.09 13.85 -6.34
N LEU A 406 -21.57 15.07 -6.53
CA LEU A 406 -21.34 15.86 -7.79
C LEU A 406 -19.87 16.30 -7.90
N LYS A 407 -19.24 16.63 -6.78
CA LYS A 407 -17.82 17.05 -6.77
C LYS A 407 -16.95 15.95 -7.40
N GLU A 408 -17.10 14.69 -6.96
CA GLU A 408 -16.14 13.63 -7.36
C GLU A 408 -16.62 12.97 -8.66
N PHE A 409 -17.91 13.00 -8.92
CA PHE A 409 -18.51 12.34 -10.11
C PHE A 409 -19.42 13.32 -10.84
N PRO A 410 -18.89 14.36 -11.52
CA PRO A 410 -19.74 15.37 -12.13
C PRO A 410 -20.74 14.75 -13.12
N ILE A 411 -20.34 13.71 -13.85
CA ILE A 411 -21.23 13.01 -14.82
C ILE A 411 -22.07 11.94 -14.08
N ALA A 412 -21.42 10.95 -13.45
CA ALA A 412 -22.10 9.74 -12.95
C ALA A 412 -23.13 10.12 -11.88
N SER A 413 -22.91 11.18 -11.12
CA SER A 413 -23.80 11.53 -9.98
C SER A 413 -25.23 11.73 -10.49
N GLN A 414 -25.39 12.32 -11.66
CA GLN A 414 -26.72 12.68 -12.22
C GLN A 414 -27.50 11.43 -12.61
N MET A 415 -26.84 10.31 -12.85
CA MET A 415 -27.50 9.02 -13.23
C MET A 415 -28.28 8.44 -12.06
N PHE A 416 -28.02 8.84 -10.81
CA PHE A 416 -28.65 8.22 -9.62
C PHE A 416 -29.77 9.11 -9.10
N GLU A 417 -30.90 8.48 -8.81
CA GLU A 417 -32.10 9.18 -8.28
C GLU A 417 -31.75 9.75 -6.90
N GLN A 418 -31.08 8.95 -6.06
CA GLN A 418 -30.52 9.42 -4.75
C GLN A 418 -29.02 9.18 -4.75
N PRO A 419 -28.20 10.13 -5.23
CA PRO A 419 -26.77 9.88 -5.40
C PRO A 419 -26.12 9.62 -4.03
N ILE A 420 -26.56 10.34 -2.99
CA ILE A 420 -26.01 10.24 -1.62
C ILE A 420 -26.82 9.20 -0.87
N MET A 421 -26.18 8.08 -0.54
CA MET A 421 -26.87 6.98 0.15
C MET A 421 -27.03 7.31 1.63
N ASP A 422 -28.17 6.93 2.19
CA ASP A 422 -28.44 6.96 3.64
C ASP A 422 -28.98 5.58 4.03
N ARG A 423 -29.37 5.42 5.29
CA ARG A 423 -29.86 4.12 5.80
C ARG A 423 -31.18 3.75 5.13
N ALA A 424 -32.13 4.69 5.05
CA ALA A 424 -33.49 4.40 4.55
C ALA A 424 -33.41 3.89 3.11
N TYR A 425 -32.57 4.49 2.29
CA TYR A 425 -32.43 4.11 0.86
C TYR A 425 -31.82 2.71 0.78
N PHE A 426 -30.83 2.42 1.62
CA PHE A 426 -30.16 1.09 1.64
C PHE A 426 -31.17 0.02 2.05
N MET A 427 -31.94 0.27 3.11
CA MET A 427 -32.96 -0.69 3.60
C MET A 427 -34.03 -0.91 2.52
N ALA A 428 -34.51 0.14 1.83
CA ALA A 428 -35.50 0.04 0.74
C ALA A 428 -34.91 -0.79 -0.40
N LEU A 429 -33.66 -0.52 -0.78
CA LEU A 429 -32.98 -1.28 -1.86
C LEU A 429 -32.87 -2.75 -1.44
N ALA A 430 -32.57 -3.02 -0.18
CA ALA A 430 -32.46 -4.40 0.36
C ALA A 430 -33.81 -5.08 0.19
N ASP A 431 -34.89 -4.43 0.59
CA ASP A 431 -36.27 -4.97 0.45
C ASP A 431 -36.49 -5.46 -0.98
N THR A 432 -36.00 -4.72 -1.98
CA THR A 432 -36.24 -5.04 -3.42
C THR A 432 -35.49 -6.33 -3.81
N PHE A 433 -34.63 -6.85 -2.93
CA PHE A 433 -33.86 -8.10 -3.19
C PHE A 433 -34.30 -9.21 -2.23
N ARG A 434 -35.15 -8.89 -1.25
CA ARG A 434 -35.66 -9.84 -0.23
C ARG A 434 -36.79 -10.68 -0.83
N SER A 435 -36.51 -11.89 -1.30
CA SER A 435 -37.53 -12.73 -2.01
C SER A 435 -38.50 -13.32 -1.00
N PRO A 436 -39.81 -13.34 -1.31
CA PRO A 436 -40.82 -13.82 -0.37
C PRO A 436 -40.82 -15.34 -0.19
N HIS A 437 -40.01 -16.09 -0.95
CA HIS A 437 -39.83 -17.54 -0.72
C HIS A 437 -38.81 -17.78 0.40
N LEU A 438 -38.16 -16.73 0.93
CA LEU A 438 -37.21 -16.85 2.06
C LEU A 438 -37.57 -15.96 3.24
N TRP A 439 -38.33 -14.89 3.03
CA TRP A 439 -38.63 -13.89 4.09
C TRP A 439 -40.14 -13.66 4.24
N LYS A 440 -40.62 -13.62 5.48
CA LYS A 440 -42.02 -13.29 5.85
C LYS A 440 -41.95 -12.12 6.84
N LYS A 441 -42.87 -11.17 6.74
CA LYS A 441 -42.93 -10.04 7.71
C LYS A 441 -43.65 -10.52 8.98
N ASP A 442 -43.29 -9.91 10.11
CA ASP A 442 -43.92 -10.07 11.44
C ASP A 442 -43.99 -8.66 12.06
N GLY A 443 -45.06 -7.92 11.76
CA GLY A 443 -45.17 -6.48 12.07
C GLY A 443 -44.19 -5.70 11.21
N GLU A 444 -43.22 -5.02 11.81
CA GLU A 444 -42.18 -4.25 11.07
C GLU A 444 -40.84 -5.00 11.04
N GLN A 445 -40.81 -6.26 11.50
CA GLN A 445 -39.57 -7.08 11.58
C GLN A 445 -39.66 -8.21 10.55
N TRP A 446 -38.75 -8.23 9.57
CA TRP A 446 -38.60 -9.39 8.66
C TRP A 446 -38.08 -10.58 9.45
N LYS A 447 -38.64 -11.77 9.23
CA LYS A 447 -38.12 -13.05 9.77
C LYS A 447 -37.93 -14.04 8.63
N LEU A 448 -36.98 -14.96 8.78
CA LEU A 448 -36.75 -16.02 7.77
C LEU A 448 -37.94 -16.97 7.83
N ARG A 449 -38.47 -17.32 6.67
CA ARG A 449 -39.51 -18.36 6.56
C ARG A 449 -38.96 -19.67 7.12
N HIS A 450 -37.71 -20.00 6.76
CA HIS A 450 -37.06 -21.28 7.11
C HIS A 450 -35.66 -21.00 7.65
N GLN A 451 -35.48 -21.24 8.94
CA GLN A 451 -34.16 -21.23 9.61
C GLN A 451 -33.67 -22.68 9.69
N VAL A 452 -32.36 -22.86 9.69
CA VAL A 452 -31.77 -24.21 9.93
C VAL A 452 -32.29 -24.71 11.29
N THR A 453 -32.45 -26.02 11.40
CA THR A 453 -33.00 -26.71 12.59
C THR A 453 -32.14 -27.94 12.89
N ASN A 454 -32.16 -28.37 14.16
CA ASN A 454 -31.22 -29.41 14.68
C ASN A 454 -31.40 -30.76 13.98
N LEU A 455 -32.62 -31.13 13.59
CA LEU A 455 -32.89 -32.39 12.84
C LEU A 455 -32.42 -33.59 13.66
N LEU B 45 39.38 17.89 8.62
CA LEU B 45 38.98 19.12 9.39
C LEU B 45 37.80 19.81 8.70
N PRO B 46 36.71 20.08 9.43
CA PRO B 46 35.52 20.67 8.84
C PRO B 46 35.64 22.18 8.60
N HIS B 47 34.87 22.69 7.66
CA HIS B 47 34.81 24.13 7.31
C HIS B 47 34.10 24.88 8.44
N LYS B 48 34.56 26.09 8.72
CA LYS B 48 33.94 27.00 9.71
C LYS B 48 32.56 27.40 9.19
N VAL B 49 31.56 27.36 10.06
CA VAL B 49 30.13 27.60 9.70
C VAL B 49 29.97 29.05 9.23
N GLU B 50 29.47 29.23 8.01
CA GLU B 50 29.03 30.53 7.47
C GLU B 50 27.58 30.38 7.03
N PHE B 51 26.74 31.36 7.31
CA PHE B 51 25.33 31.40 6.86
C PHE B 51 25.22 32.22 5.56
N CYS B 52 24.38 31.74 4.65
CA CYS B 52 24.02 32.43 3.40
C CYS B 52 23.25 33.70 3.77
N LYS B 53 23.47 34.78 3.03
CA LYS B 53 22.96 36.13 3.38
C LYS B 53 21.59 36.39 2.74
N SER B 54 21.05 35.45 1.97
CA SER B 54 19.69 35.54 1.36
C SER B 54 18.71 34.63 2.12
N CYS B 55 19.02 33.33 2.26
CA CYS B 55 18.22 32.37 3.04
C CYS B 55 18.83 32.20 4.43
N VAL B 56 18.50 31.12 5.14
CA VAL B 56 18.98 30.92 6.53
C VAL B 56 19.80 29.63 6.58
N ILE B 57 20.23 29.12 5.43
CA ILE B 57 21.01 27.87 5.37
C ILE B 57 22.47 28.17 5.69
N SER B 58 23.20 27.13 6.10
CA SER B 58 24.65 27.20 6.40
C SER B 58 25.38 26.41 5.32
N ASN B 59 26.71 26.52 5.34
CA ASN B 59 27.63 25.84 4.40
C ASN B 59 27.92 24.43 4.91
N GLN B 60 27.23 23.95 5.96
CA GLN B 60 27.53 22.60 6.51
C GLN B 60 26.79 21.50 5.73
N ARG B 61 25.59 21.84 5.22
CA ARG B 61 24.68 20.93 4.47
C ARG B 61 25.47 20.11 3.45
N PRO B 62 25.30 18.76 3.43
CA PRO B 62 26.05 17.87 2.54
C PRO B 62 25.73 18.05 1.04
N PHE B 81 29.38 28.96 -1.13
CA PHE B 81 28.71 30.26 -1.38
C PHE B 81 29.55 31.10 -2.35
N ASP B 82 28.92 32.10 -2.98
CA ASP B 82 29.57 33.01 -3.96
C ASP B 82 30.23 34.16 -3.19
N ASP B 83 30.57 35.25 -3.88
CA ASP B 83 31.41 36.35 -3.35
C ASP B 83 30.53 37.41 -2.69
N GLU B 84 29.21 37.22 -2.68
CA GLU B 84 28.28 37.99 -1.81
C GLU B 84 27.69 37.09 -0.73
N GLY B 85 28.29 35.89 -0.52
CA GLY B 85 27.86 34.91 0.48
C GLY B 85 26.42 34.44 0.25
N ILE B 86 26.12 34.00 -0.98
CA ILE B 86 24.78 33.48 -1.39
C ILE B 86 24.95 32.06 -1.93
N CYS B 87 24.29 31.10 -1.27
CA CYS B 87 24.12 29.70 -1.74
C CYS B 87 23.67 29.70 -3.21
N ASP B 88 24.13 28.70 -3.94
CA ASP B 88 23.66 28.37 -5.32
C ASP B 88 22.13 28.33 -5.37
N ALA B 89 21.48 27.86 -4.30
CA ALA B 89 20.01 27.65 -4.28
C ALA B 89 19.30 28.99 -4.41
N CYS B 90 19.76 30.03 -3.70
CA CYS B 90 19.13 31.38 -3.76
C CYS B 90 19.35 31.99 -5.15
N ARG B 91 20.54 31.76 -5.73
CA ARG B 91 20.88 32.31 -7.07
C ARG B 91 19.97 31.66 -8.11
N VAL B 92 19.78 30.33 -8.03
CA VAL B 92 18.91 29.60 -9.01
C VAL B 92 17.48 30.11 -8.87
N ALA B 93 16.97 30.29 -7.65
CA ALA B 93 15.59 30.74 -7.42
C ALA B 93 15.43 32.16 -8.00
N GLU B 94 16.38 33.05 -7.70
CA GLU B 94 16.26 34.47 -8.11
C GLU B 94 16.40 34.54 -9.63
N ARG B 95 17.31 33.76 -10.22
CA ARG B 95 17.55 33.73 -11.69
C ARG B 95 16.27 33.23 -12.38
N LYS B 96 15.61 32.23 -11.79
CA LYS B 96 14.39 31.62 -12.39
C LYS B 96 13.25 32.64 -12.32
N LYS B 97 13.23 33.50 -11.29
CA LYS B 97 12.13 34.48 -11.08
C LYS B 97 12.26 35.66 -12.04
N SER B 98 13.21 35.63 -12.97
CA SER B 98 13.35 36.66 -14.03
C SER B 98 13.40 35.99 -15.41
N THR B 99 14.23 34.96 -15.56
CA THR B 99 14.60 34.39 -16.88
C THR B 99 13.51 33.46 -17.44
N ILE B 100 12.55 33.02 -16.62
CA ILE B 100 11.63 31.91 -17.01
C ILE B 100 10.34 32.49 -17.58
N ASN B 101 10.02 32.13 -18.83
CA ASN B 101 8.70 32.39 -19.44
C ASN B 101 7.81 31.16 -19.21
N TRP B 102 6.89 31.25 -18.25
CA TRP B 102 6.08 30.09 -17.80
C TRP B 102 5.05 29.72 -18.86
N GLU B 103 4.67 30.66 -19.73
CA GLU B 103 3.71 30.41 -20.84
C GLU B 103 4.34 29.46 -21.86
N GLU B 104 5.61 29.69 -22.22
CA GLU B 104 6.32 28.86 -23.23
C GLU B 104 6.70 27.53 -22.53
N ARG B 105 6.89 27.52 -21.21
CA ARG B 105 7.12 26.25 -20.49
C ARG B 105 5.82 25.45 -20.44
N ASP B 106 4.68 26.13 -20.34
CA ASP B 106 3.34 25.49 -20.37
C ASP B 106 3.14 24.83 -21.73
N ARG B 107 3.55 25.50 -22.82
CA ARG B 107 3.40 24.93 -24.19
C ARG B 107 4.32 23.71 -24.31
N GLN B 108 5.51 23.75 -23.73
CA GLN B 108 6.46 22.59 -23.76
C GLN B 108 5.82 21.40 -23.02
N LEU B 109 5.14 21.66 -21.91
CA LEU B 109 4.40 20.59 -21.19
C LEU B 109 3.29 20.03 -22.10
N ARG B 110 2.55 20.90 -22.78
CA ARG B 110 1.41 20.44 -23.62
C ARG B 110 1.93 19.59 -24.77
N GLU B 111 3.12 19.90 -25.27
CA GLU B 111 3.73 19.16 -26.41
C GLU B 111 4.33 17.86 -25.89
N LEU B 112 4.83 17.84 -24.66
CA LEU B 112 5.34 16.59 -24.06
C LEU B 112 4.16 15.65 -23.83
N CYS B 113 3.04 16.17 -23.32
CA CYS B 113 1.82 15.38 -23.08
C CYS B 113 1.28 14.84 -24.41
N ASP B 114 1.18 15.69 -25.43
CA ASP B 114 0.77 15.26 -26.80
C ASP B 114 1.69 14.11 -27.25
N ARG B 115 2.99 14.23 -26.98
CA ARG B 115 4.00 13.21 -27.39
C ARG B 115 3.66 11.86 -26.75
N PHE B 116 3.22 11.83 -25.48
CA PHE B 116 3.15 10.58 -24.68
C PHE B 116 1.70 10.13 -24.43
N ARG B 117 0.72 11.02 -24.54
CA ARG B 117 -0.69 10.69 -24.21
C ARG B 117 -1.07 9.38 -24.91
N SER B 118 -1.72 8.48 -24.18
CA SER B 118 -2.16 7.14 -24.66
C SER B 118 -3.55 7.27 -25.30
N LYS B 119 -3.72 6.67 -26.47
CA LYS B 119 -5.00 6.72 -27.24
C LYS B 119 -5.88 5.53 -26.84
N ASP B 120 -5.26 4.40 -26.50
CA ASP B 120 -5.92 3.19 -25.94
C ASP B 120 -6.23 3.46 -24.46
N GLY B 121 -6.48 2.39 -23.69
CA GLY B 121 -6.82 2.51 -22.26
C GLY B 121 -5.62 2.25 -21.37
N SER B 122 -4.40 2.41 -21.89
CA SER B 122 -3.17 2.11 -21.11
C SER B 122 -2.69 3.39 -20.41
N TYR B 123 -1.90 3.19 -19.36
CA TYR B 123 -1.21 4.31 -18.66
C TYR B 123 -0.25 4.93 -19.65
N ASP B 124 -0.16 6.26 -19.64
CA ASP B 124 0.82 7.01 -20.46
C ASP B 124 1.86 7.71 -19.58
N CYS B 125 1.86 7.45 -18.28
CA CYS B 125 2.51 8.36 -17.31
C CYS B 125 2.70 7.65 -15.96
N VAL B 126 3.86 7.76 -15.35
CA VAL B 126 4.08 7.27 -13.97
C VAL B 126 4.33 8.48 -13.08
N VAL B 127 3.53 8.65 -12.04
CA VAL B 127 3.72 9.75 -11.05
C VAL B 127 4.04 9.13 -9.71
N PRO B 128 5.32 9.24 -9.26
CA PRO B 128 5.71 8.73 -7.97
C PRO B 128 5.37 9.75 -6.90
N GLY B 129 5.19 9.28 -5.68
CA GLY B 129 4.86 10.16 -4.57
C GLY B 129 4.20 9.39 -3.45
N SER B 130 3.96 10.08 -2.34
CA SER B 130 3.41 9.49 -1.11
C SER B 130 1.96 9.92 -0.92
N GLY B 131 1.42 10.72 -1.83
CA GLY B 131 0.14 11.42 -1.63
C GLY B 131 0.28 12.75 -0.91
N GLY B 132 1.51 13.22 -0.71
CA GLY B 132 1.73 14.58 -0.18
C GLY B 132 1.27 15.61 -1.19
N LYS B 133 1.23 16.87 -0.78
CA LYS B 133 0.66 17.99 -1.59
C LYS B 133 1.30 18.04 -2.98
N ASP B 134 2.59 17.74 -3.10
CA ASP B 134 3.34 17.90 -4.38
C ASP B 134 2.89 16.81 -5.35
N SER B 135 2.91 15.56 -4.93
CA SER B 135 2.57 14.40 -5.80
C SER B 135 1.08 14.47 -6.14
N PHE B 136 0.27 14.98 -5.21
CA PHE B 136 -1.16 15.16 -5.44
C PHE B 136 -1.33 16.17 -6.57
N TYR B 137 -0.70 17.33 -6.45
CA TYR B 137 -0.80 18.38 -7.50
C TYR B 137 -0.34 17.77 -8.82
N ALA B 138 0.82 17.10 -8.85
CA ALA B 138 1.39 16.58 -10.10
C ALA B 138 0.34 15.66 -10.79
N ALA B 139 -0.12 14.63 -10.10
CA ALA B 139 -1.00 13.63 -10.71
C ALA B 139 -2.34 14.29 -11.07
N HIS B 140 -2.89 15.10 -10.16
CA HIS B 140 -4.22 15.72 -10.37
C HIS B 140 -4.19 16.66 -11.58
N ILE B 141 -3.14 17.49 -11.71
CA ILE B 141 -3.08 18.46 -12.83
C ILE B 141 -2.78 17.70 -14.14
N LEU B 142 -2.00 16.63 -14.09
CA LEU B 142 -1.68 15.89 -15.33
C LEU B 142 -2.93 15.18 -15.84
N LYS B 143 -3.76 14.65 -14.94
CA LYS B 143 -4.96 13.90 -15.36
C LYS B 143 -6.04 14.89 -15.80
N TYR B 144 -6.43 15.81 -14.92
CA TYR B 144 -7.67 16.62 -15.06
C TYR B 144 -7.42 17.93 -15.80
N LYS B 145 -6.17 18.28 -16.12
CA LYS B 145 -5.89 19.50 -16.91
C LYS B 145 -5.17 19.14 -18.21
N TYR B 146 -4.22 18.22 -18.18
CA TYR B 146 -3.42 17.88 -19.39
C TYR B 146 -3.88 16.56 -20.01
N GLY B 147 -4.98 15.98 -19.52
CA GLY B 147 -5.61 14.81 -20.15
C GLY B 147 -4.70 13.60 -20.18
N MET B 148 -3.91 13.39 -19.14
CA MET B 148 -3.00 12.22 -19.04
C MET B 148 -3.69 11.13 -18.25
N ASN B 149 -3.11 9.94 -18.26
CA ASN B 149 -3.61 8.74 -17.55
C ASN B 149 -2.46 8.21 -16.70
N PRO B 150 -2.12 8.91 -15.60
CA PRO B 150 -1.02 8.46 -14.76
C PRO B 150 -1.42 7.24 -13.92
N LEU B 151 -0.52 6.29 -13.83
CA LEU B 151 -0.43 5.35 -12.70
C LEU B 151 0.41 6.01 -11.61
N THR B 152 -0.11 6.10 -10.40
CA THR B 152 0.70 6.62 -9.27
C THR B 152 1.40 5.43 -8.65
N VAL B 153 2.58 5.69 -8.11
CA VAL B 153 3.45 4.63 -7.53
C VAL B 153 4.08 5.21 -6.28
N THR B 154 4.15 4.40 -5.24
CA THR B 154 4.62 4.83 -3.91
C THR B 154 5.65 3.82 -3.41
N TRP B 155 6.87 4.32 -3.16
CA TRP B 155 7.84 3.63 -2.31
C TRP B 155 7.41 3.92 -0.88
N ALA B 156 7.11 2.89 -0.10
CA ALA B 156 6.40 3.02 1.18
C ALA B 156 7.28 3.78 2.16
N PRO B 157 6.67 4.58 3.05
CA PRO B 157 7.42 5.17 4.14
C PRO B 157 7.83 4.08 5.13
N HIS B 158 8.76 4.41 6.01
CA HIS B 158 9.18 3.55 7.13
C HIS B 158 7.95 3.25 7.97
N MET B 159 7.28 4.30 8.45
CA MET B 159 6.11 4.19 9.34
C MET B 159 5.14 5.31 8.94
N TYR B 160 3.93 4.92 8.52
CA TYR B 160 2.87 5.87 8.15
C TYR B 160 2.45 6.64 9.39
N THR B 161 2.37 7.96 9.23
CA THR B 161 1.58 8.82 10.15
C THR B 161 0.12 8.59 9.83
N PRO B 162 -0.80 8.84 10.79
CA PRO B 162 -2.24 8.75 10.50
C PRO B 162 -2.69 9.67 9.36
N TRP B 163 -2.32 10.94 9.43
CA TRP B 163 -2.63 11.91 8.35
C TRP B 163 -1.93 11.49 7.05
N GLY B 164 -0.71 10.97 7.13
CA GLY B 164 0.02 10.51 5.95
C GLY B 164 -0.77 9.42 5.24
N TRP B 165 -1.26 8.44 5.99
CA TRP B 165 -2.07 7.35 5.40
C TRP B 165 -3.37 7.92 4.81
N ARG B 166 -4.05 8.80 5.54
CA ARG B 166 -5.29 9.44 5.03
C ARG B 166 -4.96 10.22 3.74
N ASN B 167 -3.80 10.88 3.66
CA ASN B 167 -3.45 11.65 2.44
C ASN B 167 -3.18 10.71 1.25
N PHE B 168 -2.55 9.59 1.52
CA PHE B 168 -2.29 8.54 0.49
C PHE B 168 -3.64 8.05 -0.05
N GLN B 169 -4.58 7.77 0.84
CA GLN B 169 -5.95 7.36 0.46
C GLN B 169 -6.65 8.49 -0.32
N SER B 170 -6.57 9.74 0.14
CA SER B 170 -7.20 10.89 -0.55
C SER B 170 -6.62 11.03 -1.95
N TRP B 171 -5.33 10.76 -2.11
CA TRP B 171 -4.67 10.74 -3.43
C TRP B 171 -5.39 9.71 -4.30
N ILE B 172 -5.46 8.48 -3.84
CA ILE B 172 -6.08 7.38 -4.62
C ILE B 172 -7.54 7.76 -4.91
N HIS B 173 -8.23 8.36 -3.97
CA HIS B 173 -9.68 8.63 -4.09
C HIS B 173 -9.92 9.96 -4.82
N ALA B 174 -8.87 10.63 -5.27
CA ALA B 174 -9.02 11.78 -6.20
C ALA B 174 -9.11 11.26 -7.64
N GLY B 175 -8.80 9.99 -7.85
CA GLY B 175 -9.00 9.31 -9.14
C GLY B 175 -7.73 8.73 -9.69
N PHE B 176 -7.06 7.89 -8.92
CA PHE B 176 -5.76 7.33 -9.37
C PHE B 176 -5.61 5.90 -8.88
N ASP B 177 -5.20 5.04 -9.81
CA ASP B 177 -4.62 3.72 -9.50
C ASP B 177 -3.29 4.00 -8.80
N ASN B 178 -2.90 3.14 -7.87
CA ASN B 178 -1.64 3.30 -7.14
C ASN B 178 -1.00 1.94 -6.93
N HIS B 179 0.29 1.84 -7.22
CA HIS B 179 1.09 0.64 -6.93
C HIS B 179 2.06 1.03 -5.82
N LEU B 180 1.81 0.50 -4.62
CA LEU B 180 2.64 0.75 -3.42
C LEU B 180 3.55 -0.46 -3.22
N PHE B 181 4.86 -0.21 -3.21
CA PHE B 181 5.85 -1.24 -2.86
C PHE B 181 6.31 -0.99 -1.44
N THR B 182 6.11 -1.98 -0.56
CA THR B 182 6.60 -1.92 0.82
C THR B 182 7.68 -2.98 0.94
N PRO B 183 8.95 -2.57 1.10
CA PRO B 183 10.02 -3.54 1.20
C PRO B 183 9.90 -4.32 2.50
N ASN B 184 10.46 -5.52 2.48
CA ASN B 184 10.57 -6.44 3.63
C ASN B 184 10.85 -5.61 4.88
N GLY B 185 9.92 -5.60 5.83
CA GLY B 185 9.95 -4.75 7.02
C GLY B 185 11.12 -5.06 7.94
N ARG B 186 11.51 -6.33 8.05
CA ARG B 186 12.67 -6.74 8.88
C ARG B 186 13.95 -6.22 8.25
N VAL B 187 14.14 -6.50 6.97
CA VAL B 187 15.34 -6.01 6.24
C VAL B 187 15.40 -4.49 6.34
N HIS B 188 14.27 -3.82 6.17
CA HIS B 188 14.22 -2.34 6.16
C HIS B 188 14.65 -1.83 7.53
N ARG B 189 14.14 -2.45 8.60
CA ARG B 189 14.47 -1.98 9.97
C ARG B 189 15.96 -2.20 10.22
N LEU B 190 16.49 -3.35 9.80
CA LEU B 190 17.92 -3.65 10.06
C LEU B 190 18.79 -2.63 9.32
N LEU B 191 18.52 -2.39 8.05
CA LEU B 191 19.29 -1.43 7.24
C LEU B 191 19.15 -0.02 7.83
N THR B 192 17.97 0.34 8.33
CA THR B 192 17.77 1.67 8.93
C THR B 192 18.61 1.78 10.22
N ARG B 193 18.60 0.76 11.05
CA ARG B 193 19.36 0.75 12.33
C ARG B 193 20.86 0.85 12.00
N LEU B 194 21.31 0.10 11.01
CA LEU B 194 22.72 0.12 10.57
C LEU B 194 23.07 1.52 10.09
N ALA B 195 22.22 2.13 9.26
CA ALA B 195 22.47 3.49 8.74
C ALA B 195 22.49 4.47 9.90
N VAL B 196 21.72 4.22 10.95
CA VAL B 196 21.74 5.11 12.15
C VAL B 196 23.07 4.92 12.88
N GLU B 197 23.49 3.67 13.09
CA GLU B 197 24.75 3.33 13.82
C GLU B 197 25.97 3.86 13.04
N ASN B 198 26.04 3.62 11.74
CA ASN B 198 27.26 3.89 10.94
C ASN B 198 27.30 5.35 10.48
N LEU B 199 26.19 5.90 9.98
CA LEU B 199 26.20 7.21 9.29
C LEU B 199 25.40 8.26 10.05
N PHE B 200 24.67 7.88 11.11
CA PHE B 200 23.58 8.69 11.71
C PHE B 200 22.68 9.26 10.60
N HIS B 201 22.26 8.38 9.71
CA HIS B 201 21.51 8.75 8.50
C HIS B 201 20.46 7.69 8.23
N PRO B 202 19.34 7.65 8.99
CA PRO B 202 18.38 6.56 8.91
C PRO B 202 17.91 6.31 7.47
N PHE B 203 17.68 7.38 6.72
CA PHE B 203 17.05 7.36 5.38
C PHE B 203 17.99 6.85 4.29
N GLN B 204 19.26 6.56 4.59
CA GLN B 204 20.27 6.29 3.55
C GLN B 204 19.84 5.11 2.69
N PRO B 205 19.48 3.93 3.26
CA PRO B 205 19.05 2.80 2.42
C PRO B 205 17.72 3.10 1.71
N PHE B 206 16.77 3.68 2.46
CA PHE B 206 15.43 4.06 1.95
C PHE B 206 15.56 4.88 0.66
N MET B 207 16.40 5.91 0.66
CA MET B 207 16.55 6.82 -0.51
C MET B 207 17.15 6.08 -1.71
N ILE B 208 18.04 5.13 -1.48
CA ILE B 208 18.56 4.27 -2.59
C ILE B 208 17.39 3.56 -3.28
N GLY B 209 16.50 2.93 -2.49
CA GLY B 209 15.33 2.23 -3.04
C GLY B 209 14.39 3.22 -3.70
N GLN B 210 14.12 4.35 -3.04
CA GLN B 210 13.14 5.37 -3.51
C GLN B 210 13.55 5.84 -4.90
N LYS B 211 14.80 6.24 -5.07
CA LYS B 211 15.25 6.84 -6.35
C LYS B 211 15.22 5.79 -7.46
N ALA B 212 15.40 4.52 -7.13
CA ALA B 212 15.31 3.42 -8.12
C ALA B 212 13.84 3.13 -8.49
N TYR B 213 12.89 3.31 -7.56
CA TYR B 213 11.55 2.68 -7.65
C TYR B 213 10.82 3.12 -8.93
N ALA B 214 10.66 4.43 -9.15
CA ALA B 214 9.79 4.94 -10.22
C ALA B 214 10.30 4.46 -11.59
N PRO B 215 11.60 4.62 -11.93
CA PRO B 215 12.10 4.07 -13.20
C PRO B 215 11.82 2.57 -13.36
N LYS B 216 12.10 1.78 -12.32
CA LYS B 216 11.83 0.30 -12.35
C LYS B 216 10.33 0.07 -12.58
N MET B 217 9.45 0.88 -11.99
CA MET B 217 7.98 0.71 -12.16
C MET B 217 7.60 1.03 -13.60
N ALA B 218 8.20 2.06 -14.19
CA ALA B 218 8.00 2.40 -15.61
C ALA B 218 8.45 1.23 -16.47
N LEU B 219 9.54 0.55 -16.11
CA LEU B 219 10.02 -0.64 -16.86
C LEU B 219 8.99 -1.76 -16.74
N LEU B 220 8.45 -2.00 -15.54
CA LEU B 220 7.53 -3.15 -15.31
C LEU B 220 6.21 -2.95 -16.06
N HIS B 221 5.57 -1.80 -15.88
CA HIS B 221 4.28 -1.49 -16.53
C HIS B 221 4.48 -1.07 -17.98
N LYS B 222 5.73 -1.07 -18.47
CA LYS B 222 6.12 -0.65 -19.85
C LYS B 222 5.53 0.73 -20.12
N ILE B 223 5.76 1.65 -19.20
CA ILE B 223 5.41 3.09 -19.36
C ILE B 223 6.72 3.83 -19.62
N LYS B 224 6.69 4.80 -20.52
CA LYS B 224 7.93 5.48 -20.97
C LYS B 224 8.15 6.76 -20.16
N LEU B 225 7.08 7.44 -19.76
CA LEU B 225 7.19 8.79 -19.15
C LEU B 225 7.07 8.70 -17.62
N VAL B 226 8.07 9.22 -16.91
CA VAL B 226 8.03 9.39 -15.44
C VAL B 226 8.06 10.89 -15.15
N VAL B 227 7.09 11.37 -14.38
CA VAL B 227 6.99 12.80 -14.01
C VAL B 227 7.08 12.90 -12.48
N TYR B 228 8.17 13.49 -12.00
CA TYR B 228 8.34 13.88 -10.58
C TYR B 228 7.70 15.24 -10.35
N GLY B 229 6.89 15.34 -9.29
CA GLY B 229 6.27 16.61 -8.85
C GLY B 229 7.24 17.43 -8.04
N GLU B 230 8.30 17.92 -8.67
CA GLU B 230 9.31 18.79 -8.01
C GLU B 230 10.13 19.52 -9.08
N ASN B 231 10.93 20.48 -8.65
CA ASN B 231 11.83 21.24 -9.54
C ASN B 231 12.94 20.32 -10.07
N GLU B 232 13.48 20.69 -11.22
CA GLU B 232 14.55 19.94 -11.93
C GLU B 232 15.82 19.89 -11.05
N ALA B 233 16.62 18.83 -11.21
CA ALA B 233 17.96 18.68 -10.59
C ALA B 233 18.94 19.70 -11.19
N GLU B 234 19.07 19.72 -12.53
CA GLU B 234 19.88 20.73 -13.27
C GLU B 234 18.97 21.83 -13.79
N TYR B 235 19.10 23.05 -13.26
CA TYR B 235 18.33 24.23 -13.73
C TYR B 235 18.40 24.29 -15.26
N GLY B 236 17.24 24.37 -15.92
CA GLY B 236 17.14 24.52 -17.38
C GLY B 236 16.88 23.20 -18.11
N ASN B 237 17.09 22.05 -17.46
CA ASN B 237 16.94 20.71 -18.10
C ASN B 237 15.82 19.95 -17.40
N PRO B 238 14.77 19.50 -18.12
CA PRO B 238 13.69 18.77 -17.47
C PRO B 238 13.97 17.27 -17.28
N ILE B 239 15.07 16.76 -17.83
CA ILE B 239 15.46 15.32 -17.71
C ILE B 239 16.69 15.19 -16.82
N GLY B 240 16.82 14.03 -16.15
CA GLY B 240 18.00 13.55 -15.39
C GLY B 240 18.39 12.19 -15.97
N ASP B 241 19.68 11.84 -16.12
CA ASP B 241 19.90 10.52 -16.76
C ASP B 241 21.14 9.71 -16.34
N GLU B 243 24.52 9.21 -14.95
CA GLU B 243 24.60 9.39 -13.47
C GLU B 243 23.95 8.18 -12.80
N SER B 244 22.71 7.87 -13.17
CA SER B 244 22.00 6.68 -12.62
C SER B 244 22.75 5.42 -13.06
N ALA B 245 23.25 5.40 -14.30
CA ALA B 245 24.04 4.26 -14.81
C ALA B 245 25.21 4.01 -13.85
N LYS B 246 25.78 5.05 -13.23
CA LYS B 246 26.91 4.82 -12.29
C LYS B 246 26.41 4.03 -11.07
N ARG B 247 25.13 4.16 -10.69
CA ARG B 247 24.51 3.44 -9.56
C ARG B 247 24.42 1.94 -9.87
N ASP B 248 24.11 1.55 -11.14
CA ASP B 248 23.97 0.12 -11.55
C ASP B 248 25.32 -0.61 -11.39
N TRP B 249 26.44 0.05 -11.71
CA TRP B 249 27.81 -0.50 -11.60
C TRP B 249 28.21 -0.69 -10.12
N LYS B 250 27.71 0.17 -9.23
CA LYS B 250 28.00 0.12 -7.76
C LYS B 250 26.78 -0.43 -7.01
N ALA B 254 27.71 -4.52 -8.17
CA ALA B 254 29.09 -4.64 -8.71
C ALA B 254 29.54 -6.10 -8.69
N ASP B 255 30.85 -6.32 -8.85
CA ASP B 255 31.47 -7.66 -8.95
C ASP B 255 31.97 -8.13 -7.57
N ASP B 256 32.41 -7.20 -6.71
CA ASP B 256 33.19 -7.53 -5.48
C ASP B 256 32.31 -7.49 -4.23
N LYS B 257 32.86 -8.04 -3.16
CA LYS B 257 32.26 -8.17 -1.80
C LYS B 257 31.97 -6.78 -1.23
N SER B 258 33.03 -6.10 -0.82
CA SER B 258 33.00 -4.79 -0.11
C SER B 258 33.09 -3.64 -1.12
N LYS B 259 32.55 -3.81 -2.32
CA LYS B 259 32.50 -2.73 -3.36
C LYS B 259 31.20 -1.93 -3.21
N ILE B 260 30.08 -2.61 -2.90
CA ILE B 260 28.73 -1.98 -2.76
C ILE B 260 28.41 -1.87 -1.28
N PHE B 261 27.73 -0.77 -0.90
CA PHE B 261 27.44 -0.40 0.51
C PHE B 261 25.97 -0.04 0.65
N LEU B 262 25.46 -0.26 1.86
CA LEU B 262 24.04 -0.05 2.22
C LEU B 262 23.98 0.12 3.74
N GLY B 263 23.54 1.30 4.19
CA GLY B 263 23.53 1.66 5.62
C GLY B 263 24.94 1.62 6.21
N GLY B 264 25.95 1.97 5.40
CA GLY B 264 27.36 2.02 5.84
C GLY B 264 27.94 0.64 6.05
N THR B 265 27.32 -0.40 5.49
CA THR B 265 27.75 -1.79 5.65
C THR B 265 27.80 -2.41 4.26
N SER B 266 28.84 -3.19 4.00
CA SER B 266 29.02 -3.86 2.68
C SER B 266 27.95 -4.94 2.53
N VAL B 267 27.54 -5.19 1.28
CA VAL B 267 26.65 -6.32 0.93
C VAL B 267 27.30 -7.61 1.45
N GLN B 268 28.62 -7.75 1.26
CA GLN B 268 29.40 -8.93 1.70
C GLN B 268 29.12 -9.18 3.18
N GLU B 269 29.23 -8.15 4.03
CA GLU B 269 29.08 -8.29 5.51
C GLU B 269 27.59 -8.36 5.88
N LEU B 270 26.70 -7.78 5.08
CA LEU B 270 25.24 -7.96 5.32
C LEU B 270 24.92 -9.46 5.24
N LYS B 271 25.41 -10.14 4.21
CA LYS B 271 25.16 -11.59 4.02
C LYS B 271 25.99 -12.41 5.01
N SER B 272 27.30 -12.14 5.07
CA SER B 272 28.27 -12.79 5.97
C SER B 272 27.77 -12.78 7.42
N ASP B 273 27.43 -11.62 7.98
CA ASP B 273 27.31 -11.45 9.45
C ASP B 273 25.90 -11.08 9.89
N PHE B 274 25.03 -10.61 8.99
CA PHE B 274 23.69 -10.07 9.38
C PHE B 274 22.54 -10.96 8.86
N GLY B 275 22.84 -12.06 8.18
CA GLY B 275 21.82 -13.07 7.83
C GLY B 275 20.97 -12.65 6.65
N LEU B 276 21.48 -11.79 5.76
CA LEU B 276 20.73 -11.35 4.56
C LEU B 276 21.21 -12.17 3.36
N ASN B 277 20.34 -12.28 2.36
CA ASN B 277 20.65 -12.90 1.05
C ASN B 277 20.42 -11.87 -0.06
N ASP B 278 20.69 -12.24 -1.30
CA ASP B 278 20.59 -11.32 -2.46
C ASP B 278 19.13 -10.94 -2.69
N ASN B 279 18.18 -11.81 -2.37
CA ASN B 279 16.73 -11.53 -2.56
C ASN B 279 16.32 -10.36 -1.66
N ASP B 280 16.78 -10.34 -0.41
CA ASP B 280 16.51 -9.26 0.57
C ASP B 280 16.96 -7.89 0.00
N LEU B 281 17.91 -7.85 -0.94
CA LEU B 281 18.45 -6.58 -1.47
C LEU B 281 17.92 -6.28 -2.87
N ASP B 282 17.09 -7.16 -3.44
CA ASP B 282 16.63 -6.98 -4.83
C ASP B 282 15.87 -5.65 -4.92
N ALA B 283 15.09 -5.31 -3.90
CA ALA B 283 14.19 -4.13 -3.94
C ALA B 283 15.02 -2.85 -4.01
N TYR B 284 16.27 -2.88 -3.57
CA TYR B 284 17.14 -1.67 -3.46
C TYR B 284 18.03 -1.51 -4.70
N LEU B 285 18.05 -2.48 -5.61
CA LEU B 285 18.94 -2.40 -6.79
C LEU B 285 18.41 -1.34 -7.74
N PRO B 286 19.32 -0.59 -8.42
CA PRO B 286 18.89 0.45 -9.35
C PRO B 286 18.25 -0.15 -10.60
N ALA B 287 17.58 0.68 -11.38
CA ALA B 287 17.02 0.32 -12.69
C ALA B 287 18.18 -0.10 -13.60
N ASP B 288 17.98 -1.15 -14.38
CA ASP B 288 18.96 -1.61 -15.40
C ASP B 288 19.07 -0.54 -16.48
N PRO B 289 20.22 0.17 -16.61
CA PRO B 289 20.33 1.29 -17.55
C PRO B 289 20.14 0.86 -19.01
N GLN B 290 20.55 -0.36 -19.36
CA GLN B 290 20.36 -0.94 -20.72
C GLN B 290 18.86 -1.00 -21.00
N GLN B 291 18.08 -1.50 -20.04
CA GLN B 291 16.59 -1.62 -20.16
C GLN B 291 15.97 -0.23 -20.24
N ILE B 292 16.47 0.74 -19.48
CA ILE B 292 15.92 2.13 -19.45
C ILE B 292 16.08 2.74 -20.84
N GLU B 293 17.31 2.69 -21.38
CA GLU B 293 17.66 3.22 -22.73
C GLU B 293 16.83 2.48 -23.78
N GLU B 294 16.77 1.15 -23.67
CA GLU B 294 16.07 0.24 -24.62
C GLU B 294 14.57 0.59 -24.67
N GLN B 295 13.96 0.95 -23.53
CA GLN B 295 12.49 1.18 -23.42
C GLN B 295 12.17 2.67 -23.53
N GLN B 296 13.18 3.52 -23.76
CA GLN B 296 13.03 4.98 -23.97
C GLN B 296 12.33 5.61 -22.76
N VAL B 297 12.71 5.18 -21.56
CA VAL B 297 12.14 5.70 -20.30
C VAL B 297 12.75 7.08 -20.04
N GLU B 298 11.89 8.09 -19.94
CA GLU B 298 12.30 9.49 -19.74
C GLU B 298 11.74 9.95 -18.41
N VAL B 299 12.62 10.45 -17.55
CA VAL B 299 12.23 11.06 -16.25
C VAL B 299 12.17 12.57 -16.47
N HIS B 300 11.00 13.16 -16.23
CA HIS B 300 10.77 14.62 -16.35
C HIS B 300 10.43 15.18 -14.98
N TYR B 301 10.77 16.44 -14.75
CA TYR B 301 10.45 17.17 -13.51
C TYR B 301 9.39 18.24 -13.82
N LEU B 302 8.25 18.15 -13.15
CA LEU B 302 7.08 19.00 -13.50
C LEU B 302 7.38 20.46 -13.10
N GLY B 303 8.28 20.68 -12.15
CA GLY B 303 8.69 22.04 -11.72
C GLY B 303 9.39 22.80 -12.83
N TYR B 304 10.02 22.09 -13.78
CA TYR B 304 10.56 22.72 -15.00
C TYR B 304 9.42 23.37 -15.75
N TYR B 305 8.28 22.69 -15.88
CA TYR B 305 7.20 23.08 -16.81
C TYR B 305 6.19 23.99 -16.10
N LEU B 306 6.03 23.83 -14.80
CA LEU B 306 5.03 24.59 -14.00
C LEU B 306 5.75 25.24 -12.83
N LYS B 307 5.35 26.47 -12.50
CA LYS B 307 5.89 27.23 -11.36
C LYS B 307 5.50 26.51 -10.08
N TRP B 308 6.48 25.88 -9.44
CA TRP B 308 6.23 25.04 -8.25
C TRP B 308 6.22 25.91 -7.00
N HIS B 309 5.07 26.00 -6.35
CA HIS B 309 4.86 26.84 -5.15
C HIS B 309 4.21 25.99 -4.07
N PRO B 310 4.96 25.53 -3.06
CA PRO B 310 4.42 24.55 -2.11
C PRO B 310 3.07 24.97 -1.53
N GLN B 311 2.88 26.25 -1.21
CA GLN B 311 1.67 26.70 -0.49
C GLN B 311 0.48 26.58 -1.46
N SER B 312 0.69 26.88 -2.74
CA SER B 312 -0.32 26.71 -3.80
C SER B 312 -0.70 25.22 -3.88
N CYS B 313 0.29 24.32 -3.90
CA CYS B 313 0.04 22.85 -3.98
C CYS B 313 -0.78 22.41 -2.76
N TYR B 314 -0.48 22.95 -1.58
CA TYR B 314 -1.28 22.66 -0.37
C TYR B 314 -2.74 23.03 -0.58
N TYR B 315 -3.04 24.27 -0.94
CA TYR B 315 -4.44 24.74 -0.99
C TYR B 315 -5.17 24.05 -2.14
N TYR B 316 -4.45 23.76 -3.22
CA TYR B 316 -4.99 22.98 -4.37
C TYR B 316 -5.37 21.59 -3.88
N SER B 317 -4.48 20.94 -3.10
CA SER B 317 -4.67 19.54 -2.64
C SER B 317 -5.79 19.49 -1.62
N VAL B 318 -5.94 20.55 -0.82
CA VAL B 318 -7.07 20.61 0.14
C VAL B 318 -8.36 20.71 -0.65
N GLU B 319 -8.38 21.55 -1.67
CA GLU B 319 -9.62 21.85 -2.41
C GLU B 319 -10.05 20.60 -3.18
N HIS B 320 -9.13 19.98 -3.92
CA HIS B 320 -9.49 18.92 -4.90
C HIS B 320 -9.38 17.52 -4.29
N GLY B 321 -8.73 17.34 -3.13
CA GLY B 321 -8.46 15.98 -2.61
C GLY B 321 -8.87 15.78 -1.17
N GLY B 322 -9.15 16.85 -0.44
CA GLY B 322 -9.34 16.79 1.02
C GLY B 322 -8.02 16.51 1.73
N PHE B 323 -6.91 17.01 1.20
CA PHE B 323 -5.57 16.88 1.83
C PHE B 323 -5.64 17.40 3.26
N GLU B 324 -5.05 16.64 4.17
CA GLU B 324 -5.06 16.94 5.61
C GLU B 324 -3.63 17.32 6.02
N ALA B 325 -3.46 18.55 6.49
CA ALA B 325 -2.21 19.02 7.11
C ALA B 325 -2.06 18.27 8.43
N SER B 326 -0.82 18.15 8.90
CA SER B 326 -0.51 17.66 10.27
C SER B 326 -1.45 18.40 11.23
N PRO B 327 -2.11 17.71 12.16
CA PRO B 327 -3.03 18.37 13.09
C PRO B 327 -2.27 19.30 14.04
N GLU B 328 -1.00 18.99 14.31
CA GLU B 328 -0.12 19.82 15.18
C GLU B 328 1.11 20.22 14.38
N ARG B 329 1.81 21.24 14.86
CA ARG B 329 3.06 21.73 14.25
C ARG B 329 4.05 20.57 14.20
N THR B 330 4.70 20.38 13.05
CA THR B 330 5.77 19.38 12.87
C THR B 330 6.95 19.74 13.79
N PRO B 331 7.42 18.82 14.66
CA PRO B 331 8.55 19.09 15.53
C PRO B 331 9.77 19.52 14.72
N GLY B 332 10.57 20.41 15.31
CA GLY B 332 11.85 20.86 14.73
C GLY B 332 11.61 21.98 13.74
N THR B 333 10.35 22.35 13.49
CA THR B 333 10.01 23.36 12.46
C THR B 333 8.69 24.04 12.80
N TYR B 334 8.20 24.85 11.87
CA TYR B 334 6.93 25.60 12.04
C TYR B 334 5.85 25.08 11.06
N SER B 335 6.24 24.32 10.04
CA SER B 335 5.35 23.88 8.94
C SER B 335 4.42 22.76 9.42
N LYS B 336 3.40 22.48 8.61
CA LYS B 336 2.35 21.48 8.93
C LYS B 336 2.04 20.62 7.70
N TYR B 337 2.53 20.96 6.50
CA TYR B 337 2.19 20.20 5.28
C TYR B 337 3.42 19.86 4.43
N ASN B 338 4.62 19.94 4.99
CA ASN B 338 5.86 19.48 4.30
C ASN B 338 6.27 18.11 4.84
N SER B 339 6.25 17.10 3.96
CA SER B 339 6.78 15.74 4.22
C SER B 339 6.25 15.20 5.56
N ILE B 340 4.97 14.82 5.60
CA ILE B 340 4.27 14.54 6.87
C ILE B 340 3.75 13.11 6.86
N ASP B 341 4.24 12.26 5.97
CA ASP B 341 3.71 10.90 5.77
C ASP B 341 4.53 9.87 6.56
N ASP B 342 5.79 10.15 6.90
CA ASP B 342 6.74 9.18 7.51
C ASP B 342 7.13 9.68 8.90
N LYS B 343 6.95 8.86 9.93
CA LYS B 343 7.28 9.23 11.33
C LYS B 343 8.79 9.39 11.46
N ILE B 344 9.56 8.57 10.75
CA ILE B 344 11.04 8.60 10.82
C ILE B 344 11.56 9.92 10.24
N ASP B 345 10.75 10.66 9.44
CA ASP B 345 11.13 12.01 8.97
C ASP B 345 11.62 12.85 10.16
N ASP B 346 10.94 12.78 11.30
CA ASP B 346 11.36 13.48 12.54
C ASP B 346 12.85 13.21 12.81
N PHE B 347 13.26 11.96 12.89
CA PHE B 347 14.65 11.60 13.25
C PHE B 347 15.60 11.98 12.13
N HIS B 348 15.14 11.96 10.88
CA HIS B 348 15.99 12.43 9.76
C HIS B 348 16.46 13.86 10.04
N TYR B 349 15.54 14.76 10.37
CA TYR B 349 15.90 16.18 10.58
C TYR B 349 16.68 16.33 11.89
N TYR B 350 16.51 15.43 12.85
CA TYR B 350 17.31 15.51 14.10
C TYR B 350 18.76 15.15 13.77
N THR B 351 18.98 14.16 12.91
CA THR B 351 20.34 13.72 12.57
C THR B 351 21.08 14.83 11.84
N THR B 352 20.47 15.43 10.82
CA THR B 352 21.06 16.57 10.09
C THR B 352 21.36 17.73 11.06
N LEU B 353 20.46 18.02 11.98
CA LEU B 353 20.71 19.05 13.00
C LEU B 353 21.97 18.68 13.78
N THR B 354 22.01 17.46 14.32
CA THR B 354 23.16 16.95 15.11
C THR B 354 24.44 17.04 14.30
N LYS B 355 24.42 16.67 13.03
CA LYS B 355 25.67 16.55 12.23
C LYS B 355 26.09 17.88 11.61
N PHE B 356 25.14 18.78 11.31
CA PHE B 356 25.42 19.98 10.48
C PHE B 356 24.90 21.27 11.11
N GLY B 357 24.29 21.21 12.29
CA GLY B 357 23.83 22.40 13.03
C GLY B 357 22.57 23.00 12.45
N ILE B 358 22.03 22.44 11.37
CA ILE B 358 20.79 22.96 10.71
C ILE B 358 19.71 21.89 10.77
N GLY B 359 18.59 22.23 11.38
CA GLY B 359 17.43 21.34 11.48
C GLY B 359 16.38 21.64 10.42
N ARG B 360 15.15 21.22 10.70
CA ARG B 360 14.04 21.22 9.73
C ARG B 360 13.57 22.66 9.49
N ALA B 361 13.49 23.48 10.53
CA ALA B 361 13.05 24.89 10.39
C ALA B 361 13.97 25.61 9.41
N THR B 362 15.27 25.30 9.42
CA THR B 362 16.22 25.94 8.50
C THR B 362 15.84 25.62 7.04
N TYR B 363 15.60 24.35 6.73
CA TYR B 363 15.25 23.93 5.36
C TYR B 363 13.89 24.51 4.94
N ASP B 364 12.90 24.49 5.84
CA ASP B 364 11.54 24.97 5.53
C ASP B 364 11.60 26.47 5.29
N ALA B 365 12.26 27.22 6.18
CA ALA B 365 12.37 28.69 6.09
C ALA B 365 13.17 29.07 4.84
N SER B 366 14.23 28.34 4.50
CA SER B 366 15.03 28.62 3.29
C SER B 366 14.15 28.48 2.04
N GLN B 367 13.35 27.41 1.96
CA GLN B 367 12.40 27.19 0.83
C GLN B 367 11.43 28.37 0.77
N GLU B 368 10.86 28.77 1.91
CA GLU B 368 9.81 29.81 1.96
C GLU B 368 10.43 31.18 1.67
N ILE B 369 11.72 31.40 1.97
CA ILE B 369 12.38 32.71 1.68
C ILE B 369 12.57 32.81 0.19
N ARG B 370 13.05 31.75 -0.46
CA ARG B 370 13.25 31.75 -1.93
C ARG B 370 11.90 31.93 -2.64
N SER B 371 10.84 31.25 -2.18
CA SER B 371 9.48 31.33 -2.79
C SER B 371 8.94 32.75 -2.66
N GLY B 372 9.41 33.54 -1.69
CA GLY B 372 8.91 34.90 -1.39
C GLY B 372 7.81 34.91 -0.35
N ASP B 373 7.57 33.81 0.37
CA ASP B 373 6.45 33.73 1.35
C ASP B 373 6.85 34.37 2.69
N ILE B 374 8.14 34.37 3.03
CA ILE B 374 8.65 35.03 4.27
C ILE B 374 9.91 35.79 3.92
N THR B 375 10.26 36.72 4.79
CA THR B 375 11.52 37.49 4.74
C THR B 375 12.58 36.74 5.55
N ARG B 376 13.84 37.01 5.26
CA ARG B 376 14.97 36.36 5.95
C ARG B 376 14.85 36.60 7.45
N GLU B 377 14.28 37.74 7.86
CA GLU B 377 14.16 38.10 9.29
C GLU B 377 13.19 37.14 9.99
N GLU B 378 12.04 36.87 9.36
CA GLU B 378 11.04 35.92 9.88
C GLU B 378 11.67 34.53 9.90
N GLY B 379 12.42 34.18 8.85
CA GLY B 379 13.16 32.91 8.76
C GLY B 379 14.07 32.73 9.97
N VAL B 380 14.87 33.75 10.28
CA VAL B 380 15.85 33.73 11.41
C VAL B 380 15.09 33.51 12.71
N ALA B 381 13.96 34.19 12.90
CA ALA B 381 13.12 34.05 14.12
C ALA B 381 12.59 32.61 14.23
N LEU B 382 12.15 32.03 13.12
CA LEU B 382 11.56 30.66 13.10
C LEU B 382 12.66 29.64 13.41
N VAL B 383 13.82 29.76 12.74
CA VAL B 383 14.99 28.89 13.00
C VAL B 383 15.34 28.98 14.49
N LYS B 384 15.37 30.18 15.06
CA LYS B 384 15.82 30.33 16.47
C LYS B 384 14.82 29.67 17.39
N ARG B 385 13.53 29.77 17.10
CA ARG B 385 12.52 29.19 18.02
C ARG B 385 12.45 27.67 17.87
N PHE B 386 12.64 27.10 16.66
CA PHE B 386 12.19 25.71 16.40
C PHE B 386 13.33 24.75 16.06
N ASP B 387 14.45 25.21 15.53
CA ASP B 387 15.41 24.32 14.84
C ASP B 387 15.90 23.22 15.79
N GLN B 388 16.05 23.52 17.09
CA GLN B 388 16.74 22.62 18.05
C GLN B 388 15.73 21.83 18.88
N GLU B 389 14.46 21.88 18.52
CA GLU B 389 13.40 21.07 19.17
C GLU B 389 13.69 19.59 18.89
N PHE B 390 13.63 18.74 19.91
CA PHE B 390 13.71 17.28 19.74
C PHE B 390 12.31 16.74 19.46
N PRO B 391 12.16 15.83 18.46
CA PRO B 391 10.85 15.25 18.13
C PRO B 391 10.39 14.10 19.02
N GLU B 392 9.65 14.41 20.10
CA GLU B 392 9.24 13.45 21.16
C GLU B 392 8.06 12.58 20.72
N ARG B 393 7.19 13.07 19.85
CA ARG B 393 5.87 12.42 19.60
C ARG B 393 6.05 10.94 19.20
N PHE B 394 7.00 10.61 18.32
CA PHE B 394 7.18 9.25 17.77
C PHE B 394 8.47 8.59 18.25
N ALA B 395 9.24 9.27 19.10
CA ALA B 395 10.56 8.79 19.56
C ALA B 395 10.48 7.32 20.01
N GLU B 396 9.49 6.96 20.83
CA GLU B 396 9.40 5.60 21.43
C GLU B 396 9.10 4.57 20.35
N GLU B 397 8.14 4.83 19.46
CA GLU B 397 7.84 3.90 18.35
C GLU B 397 9.10 3.72 17.50
N ILE B 398 9.81 4.83 17.24
CA ILE B 398 11.01 4.79 16.37
C ILE B 398 12.10 3.93 17.03
N PHE B 399 12.32 4.09 18.34
CA PHE B 399 13.29 3.28 19.10
C PHE B 399 12.94 1.81 18.94
N LYS B 400 11.66 1.46 19.05
CA LYS B 400 11.22 0.05 18.86
C LYS B 400 11.47 -0.38 17.42
N TYR B 401 11.21 0.50 16.46
CA TYR B 401 11.41 0.21 15.02
C TYR B 401 12.90 -0.09 14.79
N LEU B 402 13.77 0.65 15.46
CA LEU B 402 15.24 0.51 15.29
C LEU B 402 15.76 -0.68 16.09
N SER B 403 14.93 -1.29 16.93
CA SER B 403 15.36 -2.38 17.85
C SER B 403 15.45 -3.68 17.07
N ILE B 404 16.58 -4.35 17.19
CA ILE B 404 16.85 -5.63 16.46
C ILE B 404 16.77 -6.77 17.47
N ASN B 405 15.55 -7.24 17.75
CA ASN B 405 15.28 -8.26 18.80
C ASN B 405 15.64 -9.64 18.26
N LEU B 406 15.82 -10.61 19.15
CA LEU B 406 16.26 -11.98 18.78
C LEU B 406 15.16 -12.74 18.04
N LYS B 407 13.90 -12.51 18.41
CA LYS B 407 12.75 -13.19 17.77
C LYS B 407 12.75 -12.92 16.27
N GLU B 408 12.85 -11.66 15.85
CA GLU B 408 12.71 -11.31 14.40
C GLU B 408 14.06 -11.42 13.70
N PHE B 409 15.16 -11.27 14.44
CA PHE B 409 16.52 -11.24 13.86
C PHE B 409 17.44 -12.21 14.60
N PRO B 410 17.26 -13.54 14.43
CA PRO B 410 18.02 -14.50 15.22
C PRO B 410 19.54 -14.29 15.06
N ILE B 411 19.99 -13.94 13.85
CA ILE B 411 21.43 -13.72 13.52
C ILE B 411 21.80 -12.27 13.83
N ALA B 412 21.15 -11.31 13.17
CA ALA B 412 21.57 -9.89 13.17
C ALA B 412 21.57 -9.35 14.61
N SER B 413 20.66 -9.81 15.46
CA SER B 413 20.51 -9.25 16.83
C SER B 413 21.83 -9.35 17.60
N GLN B 414 22.56 -10.43 17.42
CA GLN B 414 23.78 -10.74 18.21
C GLN B 414 24.90 -9.76 17.82
N MET B 415 24.86 -9.19 16.61
CA MET B 415 25.88 -8.24 16.12
C MET B 415 25.83 -6.91 16.88
N PHE B 416 24.74 -6.56 17.56
CA PHE B 416 24.56 -5.24 18.21
C PHE B 416 24.83 -5.35 19.70
N GLU B 417 25.59 -4.40 20.24
CA GLU B 417 25.93 -4.37 21.68
C GLU B 417 24.65 -4.17 22.49
N GLN B 418 23.80 -3.25 22.06
CA GLN B 418 22.46 -3.02 22.65
C GLN B 418 21.41 -3.16 21.57
N PRO B 419 20.93 -4.39 21.29
CA PRO B 419 20.04 -4.61 20.16
C PRO B 419 18.71 -3.85 20.33
N ILE B 420 18.22 -3.75 21.57
CA ILE B 420 16.96 -3.04 21.90
C ILE B 420 17.31 -1.59 22.20
N MET B 421 16.93 -0.69 21.31
CA MET B 421 17.29 0.73 21.48
C MET B 421 16.38 1.40 22.49
N ASP B 422 16.95 2.29 23.30
CA ASP B 422 16.21 3.16 24.24
C ASP B 422 16.66 4.59 23.99
N ARG B 423 16.18 5.52 24.80
CA ARG B 423 16.50 6.95 24.66
C ARG B 423 17.99 7.19 24.95
N ALA B 424 18.51 6.64 26.06
CA ALA B 424 19.89 6.92 26.53
C ALA B 424 20.87 6.48 25.44
N TYR B 425 20.64 5.32 24.82
CA TYR B 425 21.54 4.77 23.79
C TYR B 425 21.50 5.68 22.56
N PHE B 426 20.30 6.15 22.18
CA PHE B 426 20.16 7.01 20.97
C PHE B 426 20.86 8.34 21.22
N MET B 427 20.66 8.96 22.39
CA MET B 427 21.32 10.24 22.72
C MET B 427 22.85 10.08 22.75
N ALA B 428 23.37 8.98 23.33
CA ALA B 428 24.82 8.69 23.37
C ALA B 428 25.34 8.54 21.94
N LEU B 429 24.60 7.82 21.10
CA LEU B 429 24.99 7.63 19.67
C LEU B 429 25.05 9.00 18.97
N ALA B 430 24.07 9.87 19.25
CA ALA B 430 23.97 11.21 18.64
C ALA B 430 25.23 12.01 19.02
N ASP B 431 25.61 11.95 20.31
CA ASP B 431 26.83 12.65 20.80
C ASP B 431 28.02 12.33 19.90
N THR B 432 28.16 11.09 19.45
CA THR B 432 29.35 10.65 18.67
C THR B 432 29.34 11.26 17.27
N PHE B 433 28.26 11.94 16.88
CA PHE B 433 28.16 12.60 15.56
C PHE B 433 28.10 14.12 15.71
N ARG B 434 28.04 14.60 16.95
CA ARG B 434 28.01 16.03 17.30
C ARG B 434 29.44 16.59 17.23
N SER B 435 29.81 17.29 16.16
CA SER B 435 31.18 17.84 15.97
C SER B 435 31.39 19.03 16.90
N PRO B 436 32.55 19.14 17.58
CA PRO B 436 32.80 20.24 18.52
C PRO B 436 33.04 21.59 17.82
N HIS B 437 33.13 21.62 16.49
CA HIS B 437 33.20 22.88 15.70
C HIS B 437 31.80 23.45 15.47
N LEU B 438 30.72 22.74 15.87
CA LEU B 438 29.32 23.24 15.75
C LEU B 438 28.61 23.28 17.10
N TRP B 439 29.05 22.48 18.07
CA TRP B 439 28.33 22.30 19.35
C TRP B 439 29.27 22.56 20.54
N LYS B 440 28.79 23.34 21.50
CA LYS B 440 29.44 23.54 22.82
C LYS B 440 28.42 23.17 23.88
N LYS B 441 28.86 22.60 24.99
CA LYS B 441 27.91 22.16 26.04
C LYS B 441 27.53 23.34 26.93
N ASP B 442 26.31 23.28 27.49
CA ASP B 442 25.72 24.29 28.41
C ASP B 442 25.06 23.52 29.56
N GLY B 443 25.85 23.18 30.58
CA GLY B 443 25.40 22.37 31.74
C GLY B 443 25.05 20.95 31.35
N TRP B 446 23.70 20.80 25.52
CA TRP B 446 24.32 21.20 24.24
C TRP B 446 23.69 22.48 23.70
N LYS B 447 24.46 23.23 22.91
CA LYS B 447 23.98 24.45 22.22
C LYS B 447 24.86 24.71 21.01
N LEU B 448 24.28 25.28 19.96
CA LEU B 448 25.00 25.63 18.72
C LEU B 448 26.03 26.69 19.07
N ARG B 449 27.26 26.50 18.62
CA ARG B 449 28.29 27.54 18.72
C ARG B 449 27.82 28.75 17.92
N HIS B 450 27.25 28.50 16.72
CA HIS B 450 26.84 29.57 15.77
C HIS B 450 25.41 29.33 15.28
N GLN B 451 24.50 30.19 15.72
CA GLN B 451 23.10 30.27 15.23
C GLN B 451 23.03 31.30 14.10
N VAL B 452 22.16 31.07 13.14
CA VAL B 452 21.84 32.08 12.08
C VAL B 452 21.47 33.37 12.79
N THR B 453 21.83 34.50 12.17
CA THR B 453 21.60 35.86 12.73
C THR B 453 21.09 36.75 11.62
N ASN B 454 20.37 37.79 12.01
CA ASN B 454 19.84 38.82 11.09
C ASN B 454 21.01 39.58 10.48
N LEU B 455 20.82 40.09 9.27
CA LEU B 455 21.87 40.83 8.53
C LEU B 455 22.21 42.13 9.29
N GLU B 456 23.48 42.53 9.26
CA GLU B 456 24.02 43.76 9.90
C GLU B 456 23.22 44.98 9.43
#